data_6Y9M
#
_entry.id   6Y9M
#
_cell.length_a   167.200
_cell.length_b   218.200
_cell.length_c   145.500
_cell.angle_alpha   90.000
_cell.angle_beta   90.000
_cell.angle_gamma   90.000
#
_symmetry.space_group_name_H-M   'C 2 2 21'
#
loop_
_entity.id
_entity.type
_entity.pdbx_description
1 polymer Glycoprotein
2 branched 2-acetamido-2-deoxy-beta-D-glucopyranose-(1-4)-2-acetamido-2-deoxy-beta-D-glucopyranose
3 branched beta-D-mannopyranose-(1-4)-2-acetamido-2-deoxy-beta-D-glucopyranose-(1-4)-[alpha-L-fucopyranose-(1-6)]2-acetamido-2-deoxy-beta-D-glucopyranose
4 branched beta-D-mannopyranose-(1-4)-2-acetamido-2-deoxy-beta-D-glucopyranose-(1-4)-2-acetamido-2-deoxy-beta-D-glucopyranose
5 non-polymer 'PHOSPHATE ION'
6 non-polymer 'SULFATE ION'
7 water water
#
_entity_poly.entity_id   1
_entity_poly.type   'polypeptide(L)'
_entity_poly.pdbx_seq_one_letter_code
;KVEIIRGDHPEVYDDSAENEVPTAASIQRKAILETLTNLMLESQTPGTRQIREEESTIPIFAESTTQKTISVSDLPNNCL
NASSLKCEIKGISTYNVYYQVENNGVIYSCVSDSAEGLEKCDNSLNLPKRFSKVPVIPITKLDNKRHFSVGTKFFISESL
TQDNYPITYNSYPTNGTVSLQTVKLSGDCKITKSNFANPYTVSITSPEKIMGYLIKKPGENVEHKVISFSGSASITFTEE
MLDGEHNLLCGDKSAKIPKTNKRVRDCIIKYSKSIYKQTACINF
;
_entity_poly.pdbx_strand_id   A,B,C,D
#
# COMPACT_ATOMS: atom_id res chain seq x y z
N LEU A 75 5.47 -41.35 14.67
CA LEU A 75 5.14 -41.74 13.30
C LEU A 75 3.64 -41.98 13.15
N PRO A 76 2.93 -40.91 12.79
CA PRO A 76 1.47 -41.00 12.60
C PRO A 76 1.06 -41.66 11.30
N ASN A 77 1.87 -42.60 10.80
CA ASN A 77 1.56 -43.26 9.54
C ASN A 77 0.37 -44.20 9.64
N ASN A 78 -0.02 -44.59 10.87
CA ASN A 78 -1.23 -45.37 11.07
C ASN A 78 -2.46 -44.65 10.57
N CYS A 79 -2.44 -43.33 10.57
CA CYS A 79 -3.68 -42.64 10.24
C CYS A 79 -3.88 -42.44 8.77
N LEU A 80 -2.80 -42.32 8.00
CA LEU A 80 -2.97 -42.04 6.58
C LEU A 80 -3.31 -43.29 5.78
N ASN A 81 -3.25 -44.47 6.38
CA ASN A 81 -3.67 -45.74 5.76
C ASN A 81 -4.75 -46.37 6.64
N ALA A 82 -5.94 -45.78 6.66
CA ALA A 82 -7.02 -46.24 7.52
C ALA A 82 -7.85 -47.38 6.93
N SER A 83 -7.79 -47.58 5.61
CA SER A 83 -8.51 -48.71 4.99
C SER A 83 -8.01 -50.04 5.55
N SER A 84 -6.70 -50.16 5.77
CA SER A 84 -6.14 -51.36 6.36
C SER A 84 -6.74 -51.70 7.72
N LEU A 85 -6.96 -50.71 8.57
CA LEU A 85 -7.27 -50.99 9.97
C LEU A 85 -8.72 -50.70 10.34
N LYS A 86 -9.07 -51.10 11.56
CA LYS A 86 -10.34 -50.71 12.15
C LYS A 86 -10.32 -49.24 12.51
N CYS A 87 -11.40 -48.54 12.22
CA CYS A 87 -11.50 -47.13 12.55
C CYS A 87 -12.96 -46.77 12.77
N GLU A 88 -13.14 -45.70 13.53
CA GLU A 88 -14.43 -45.14 13.84
C GLU A 88 -14.42 -43.69 13.39
N ILE A 89 -15.45 -43.30 12.64
CA ILE A 89 -15.61 -41.90 12.29
C ILE A 89 -16.22 -41.24 13.52
N LYS A 90 -15.40 -40.53 14.30
CA LYS A 90 -15.84 -39.88 15.52
C LYS A 90 -16.51 -38.52 15.26
N GLY A 91 -16.53 -38.06 14.02
CA GLY A 91 -17.17 -36.78 13.74
C GLY A 91 -16.89 -36.23 12.35
N ILE A 92 -17.92 -35.69 11.70
CA ILE A 92 -17.82 -35.13 10.35
C ILE A 92 -18.30 -33.69 10.42
N SER A 93 -17.39 -32.75 10.17
CA SER A 93 -17.63 -31.32 10.05
C SER A 93 -17.84 -30.96 8.58
N THR A 94 -18.01 -29.66 8.32
CA THR A 94 -18.15 -29.21 6.95
C THR A 94 -16.87 -29.40 6.16
N TYR A 95 -15.71 -29.15 6.76
CA TYR A 95 -14.46 -29.06 6.01
C TYR A 95 -13.39 -30.06 6.41
N ASN A 96 -13.65 -30.92 7.39
CA ASN A 96 -12.70 -31.98 7.69
C ASN A 96 -13.43 -33.03 8.49
N VAL A 97 -12.73 -34.10 8.87
CA VAL A 97 -13.33 -35.24 9.56
C VAL A 97 -12.45 -35.68 10.72
N TYR A 98 -13.09 -36.05 11.83
CA TYR A 98 -12.44 -36.54 13.03
C TYR A 98 -12.65 -38.04 13.10
N TYR A 99 -11.58 -38.83 13.00
CA TYR A 99 -11.67 -40.29 13.09
C TYR A 99 -10.56 -40.79 14.02
N GLN A 100 -10.76 -41.96 14.63
CA GLN A 100 -9.65 -42.66 15.29
C GLN A 100 -9.54 -44.04 14.66
N VAL A 101 -8.29 -44.50 14.41
CA VAL A 101 -8.01 -45.85 13.93
C VAL A 101 -7.40 -46.63 15.07
N GLU A 102 -7.65 -47.94 15.08
CA GLU A 102 -7.23 -48.82 16.15
C GLU A 102 -6.21 -49.77 15.53
N ASN A 103 -5.02 -49.79 16.11
CA ASN A 103 -3.92 -50.62 15.59
C ASN A 103 -2.94 -50.86 16.72
N ASN A 104 -2.31 -52.03 16.72
CA ASN A 104 -1.38 -52.45 17.77
C ASN A 104 -2.03 -52.46 19.14
N GLY A 105 -3.36 -52.46 19.17
CA GLY A 105 -4.07 -52.30 20.43
C GLY A 105 -4.00 -50.89 21.00
N VAL A 106 -3.74 -49.89 20.16
CA VAL A 106 -3.49 -48.51 20.59
C VAL A 106 -4.33 -47.59 19.72
N ILE A 107 -5.41 -47.04 20.28
CA ILE A 107 -6.25 -46.10 19.53
C ILE A 107 -5.44 -44.85 19.20
N TYR A 108 -5.37 -44.53 17.91
CA TYR A 108 -4.73 -43.32 17.38
C TYR A 108 -5.81 -42.36 16.87
N SER A 109 -5.84 -41.14 17.41
CA SER A 109 -6.83 -40.14 17.04
C SER A 109 -6.26 -39.17 15.99
N CYS A 110 -7.12 -38.81 15.02
CA CYS A 110 -6.73 -38.12 13.79
C CYS A 110 -7.84 -37.27 13.17
N VAL A 111 -7.41 -36.24 12.45
CA VAL A 111 -8.29 -35.34 11.73
C VAL A 111 -7.69 -35.11 10.36
N SER A 112 -8.52 -35.13 9.32
CA SER A 112 -7.95 -34.99 7.98
C SER A 112 -8.94 -34.26 7.10
N ASP A 113 -8.45 -33.77 5.97
CA ASP A 113 -9.30 -33.14 4.98
C ASP A 113 -9.64 -34.06 3.83
N SER A 114 -9.20 -35.32 3.87
CA SER A 114 -9.15 -36.17 2.68
C SER A 114 -10.51 -36.81 2.34
N ALA A 115 -11.06 -37.59 3.29
CA ALA A 115 -12.22 -38.47 3.12
C ALA A 115 -11.89 -39.73 2.33
N GLU A 116 -10.62 -40.08 2.24
CA GLU A 116 -10.16 -41.13 1.35
C GLU A 116 -9.66 -42.31 2.17
N GLY A 117 -10.20 -43.49 1.86
CA GLY A 117 -9.82 -44.67 2.59
C GLY A 117 -10.47 -44.79 3.95
N LEU A 118 -11.26 -43.80 4.34
CA LEU A 118 -12.15 -43.87 5.49
C LEU A 118 -13.54 -44.36 5.11
N GLU A 119 -13.74 -44.75 3.85
CA GLU A 119 -15.07 -45.13 3.37
C GLU A 119 -15.55 -46.42 4.02
N LYS A 120 -14.63 -47.22 4.54
CA LYS A 120 -14.97 -48.47 5.17
C LYS A 120 -15.15 -48.36 6.67
N CYS A 121 -14.85 -47.20 7.26
CA CYS A 121 -14.80 -47.06 8.72
C CYS A 121 -16.19 -47.16 9.30
N ASP A 122 -16.25 -47.50 10.59
CA ASP A 122 -17.50 -47.44 11.34
C ASP A 122 -18.05 -46.03 11.28
N ASN A 123 -19.36 -45.92 11.06
CA ASN A 123 -20.05 -44.65 11.14
C ASN A 123 -19.51 -43.67 10.09
N SER A 124 -19.22 -44.17 8.90
CA SER A 124 -18.68 -43.36 7.82
C SER A 124 -19.74 -43.01 6.78
N LEU A 125 -21.02 -43.33 7.01
CA LEU A 125 -21.95 -43.43 5.89
C LEU A 125 -22.09 -42.10 5.17
N ASN A 126 -22.15 -41.00 5.94
CA ASN A 126 -22.48 -39.65 5.49
C ASN A 126 -21.25 -38.85 5.09
N LEU A 127 -20.06 -39.33 5.44
CA LEU A 127 -18.80 -38.84 4.93
C LEU A 127 -18.97 -38.42 3.48
N PRO A 128 -18.82 -37.13 3.20
CA PRO A 128 -18.93 -36.62 1.82
C PRO A 128 -17.80 -37.14 0.94
N LYS A 129 -17.99 -36.97 -0.36
CA LYS A 129 -16.97 -37.43 -1.29
C LYS A 129 -15.71 -36.60 -1.15
N ARG A 130 -15.88 -35.29 -1.05
CA ARG A 130 -14.78 -34.33 -1.08
C ARG A 130 -15.00 -33.26 -0.02
N PHE A 131 -13.90 -32.84 0.63
CA PHE A 131 -13.92 -31.71 1.56
C PHE A 131 -13.38 -30.48 0.85
N SER A 132 -13.95 -29.32 1.20
CA SER A 132 -13.87 -28.18 0.28
C SER A 132 -12.43 -27.69 0.10
N LYS A 133 -11.74 -27.48 1.20
CA LYS A 133 -10.32 -27.09 1.21
C LYS A 133 -10.10 -25.62 0.84
N VAL A 134 -11.08 -24.76 1.09
CA VAL A 134 -10.89 -23.29 1.03
C VAL A 134 -10.32 -22.80 2.36
N PRO A 135 -9.71 -21.61 2.43
CA PRO A 135 -9.16 -21.17 3.71
C PRO A 135 -10.27 -20.64 4.62
N VAL A 136 -10.35 -21.18 5.85
CA VAL A 136 -11.37 -20.77 6.83
C VAL A 136 -10.73 -20.73 8.23
N ILE A 137 -11.21 -19.81 9.08
CA ILE A 137 -10.76 -19.71 10.47
C ILE A 137 -11.97 -19.71 11.41
N PRO A 138 -11.76 -19.98 12.71
CA PRO A 138 -12.89 -19.99 13.64
C PRO A 138 -13.41 -18.59 13.92
N ILE A 139 -14.72 -18.49 14.09
CA ILE A 139 -15.35 -17.23 14.47
C ILE A 139 -15.12 -17.03 15.98
N THR A 140 -14.53 -15.88 16.34
CA THR A 140 -14.25 -15.55 17.74
C THR A 140 -15.29 -14.60 18.35
N LYS A 141 -15.90 -13.72 17.55
CA LYS A 141 -16.94 -12.82 18.04
C LYS A 141 -18.32 -13.41 17.78
N LEU A 142 -19.07 -13.68 18.86
CA LEU A 142 -20.34 -14.40 18.70
C LEU A 142 -21.39 -13.60 17.91
N ASP A 143 -21.33 -12.27 17.99
CA ASP A 143 -22.14 -11.43 17.10
C ASP A 143 -22.03 -11.87 15.65
N ASN A 144 -20.83 -12.24 15.23
CA ASN A 144 -20.59 -12.38 13.80
C ASN A 144 -21.08 -13.68 13.21
N LYS A 145 -21.49 -14.65 14.04
CA LYS A 145 -21.87 -15.96 13.52
C LYS A 145 -22.95 -15.83 12.47
N ARG A 146 -24.06 -15.20 12.85
CA ARG A 146 -25.22 -15.02 11.98
C ARG A 146 -24.82 -14.47 10.62
N HIS A 147 -24.02 -13.39 10.61
CA HIS A 147 -23.63 -12.71 9.38
C HIS A 147 -22.51 -13.41 8.60
N PHE A 148 -21.60 -14.15 9.28
CA PHE A 148 -20.41 -14.68 8.62
C PHE A 148 -20.26 -16.20 8.58
N SER A 149 -21.03 -16.95 9.37
CA SER A 149 -20.83 -18.39 9.48
C SER A 149 -20.95 -19.07 8.13
N VAL A 150 -19.99 -19.94 7.85
CA VAL A 150 -19.83 -20.59 6.56
C VAL A 150 -19.60 -22.07 6.85
N GLY A 151 -20.01 -22.52 8.03
CA GLY A 151 -19.93 -23.92 8.41
C GLY A 151 -19.26 -24.27 9.74
N THR A 152 -18.77 -25.51 9.86
CA THR A 152 -18.01 -25.96 11.01
C THR A 152 -16.79 -26.73 10.53
N LYS A 153 -15.82 -26.85 11.41
CA LYS A 153 -14.58 -27.52 11.09
C LYS A 153 -13.91 -27.91 12.41
N PHE A 154 -13.03 -28.90 12.35
CA PHE A 154 -12.33 -29.34 13.54
C PHE A 154 -10.99 -28.64 13.67
N PHE A 155 -10.62 -28.32 14.91
CA PHE A 155 -9.33 -27.76 15.22
C PHE A 155 -8.77 -28.41 16.49
N ILE A 156 -7.44 -28.34 16.60
CA ILE A 156 -6.71 -28.86 17.74
C ILE A 156 -6.69 -27.78 18.80
N SER A 157 -7.37 -28.05 19.92
CA SER A 157 -7.37 -27.25 21.13
C SER A 157 -6.59 -28.02 22.19
N GLU A 158 -6.56 -27.49 23.41
CA GLU A 158 -5.86 -28.14 24.53
C GLU A 158 -6.85 -28.47 25.63
N SER A 159 -6.58 -29.55 26.37
CA SER A 159 -7.60 -30.08 27.27
C SER A 159 -7.59 -29.38 28.61
N LEU A 160 -8.78 -29.27 29.20
CA LEU A 160 -8.93 -28.63 30.51
C LEU A 160 -8.36 -29.52 31.62
N THR A 161 -8.68 -30.81 31.64
CA THR A 161 -7.84 -31.70 32.42
C THR A 161 -6.47 -31.80 31.77
N GLN A 162 -5.50 -32.34 32.51
CA GLN A 162 -4.15 -32.44 31.94
C GLN A 162 -4.00 -33.65 31.00
N ASP A 163 -5.12 -34.27 30.62
CA ASP A 163 -5.12 -35.43 29.73
C ASP A 163 -5.14 -34.99 28.26
N ASN A 164 -4.01 -34.45 27.79
CA ASN A 164 -3.83 -34.24 26.35
C ASN A 164 -3.27 -35.53 25.74
N TYR A 165 -3.87 -35.97 24.65
CA TYR A 165 -3.41 -37.19 23.96
C TYR A 165 -3.00 -36.84 22.53
N PRO A 166 -2.00 -37.52 21.97
CA PRO A 166 -1.46 -37.07 20.68
C PRO A 166 -2.44 -37.27 19.52
N ILE A 167 -2.53 -36.24 18.69
CA ILE A 167 -3.41 -36.22 17.52
C ILE A 167 -2.56 -35.94 16.28
N THR A 168 -3.12 -36.25 15.12
CA THR A 168 -2.53 -35.87 13.85
C THR A 168 -3.52 -35.02 13.05
N TYR A 169 -3.13 -33.78 12.74
CA TYR A 169 -4.01 -32.83 12.06
C TYR A 169 -3.49 -32.66 10.64
N ASN A 170 -4.28 -33.09 9.66
CA ASN A 170 -3.88 -33.02 8.26
C ASN A 170 -2.44 -33.52 8.10
N SER A 171 -2.18 -34.68 8.72
CA SER A 171 -0.89 -35.38 8.69
C SER A 171 0.25 -34.62 9.40
N TYR A 172 -0.07 -33.66 10.28
CA TYR A 172 0.92 -33.06 11.19
C TYR A 172 0.74 -33.62 12.59
N PRO A 173 1.79 -34.15 13.22
CA PRO A 173 1.67 -34.71 14.58
C PRO A 173 1.74 -33.64 15.67
N THR A 174 0.91 -33.80 16.69
CA THR A 174 0.82 -32.81 17.77
C THR A 174 0.28 -33.51 18.99
N ASN A 175 0.12 -32.80 20.09
CA ASN A 175 -0.73 -33.31 21.16
C ASN A 175 -1.88 -32.35 21.36
N GLY A 176 -3.02 -32.84 21.80
CA GLY A 176 -4.13 -31.97 22.02
C GLY A 176 -5.43 -32.68 22.25
N THR A 177 -6.51 -31.90 22.11
CA THR A 177 -7.88 -32.41 22.15
C THR A 177 -8.59 -31.75 20.97
N VAL A 178 -9.49 -32.49 20.34
CA VAL A 178 -10.16 -31.97 19.15
C VAL A 178 -11.42 -31.22 19.57
N SER A 179 -11.68 -30.06 18.94
CA SER A 179 -12.92 -29.34 19.17
C SER A 179 -13.48 -28.83 17.84
N LEU A 180 -14.80 -28.97 17.67
CA LEU A 180 -15.51 -28.48 16.50
C LEU A 180 -15.91 -27.02 16.73
N GLN A 181 -15.77 -26.19 15.70
CA GLN A 181 -16.01 -24.76 15.86
C GLN A 181 -16.54 -24.18 14.56
N THR A 182 -17.58 -23.35 14.71
CA THR A 182 -18.20 -22.62 13.62
C THR A 182 -17.17 -21.69 12.98
N VAL A 183 -17.31 -21.46 11.69
CA VAL A 183 -16.18 -20.99 10.90
C VAL A 183 -16.59 -19.84 9.98
N LYS A 184 -15.71 -18.86 9.83
CA LYS A 184 -15.90 -17.79 8.87
C LYS A 184 -14.83 -17.87 7.80
N LEU A 185 -15.08 -17.19 6.69
CA LEU A 185 -14.17 -17.28 5.58
C LEU A 185 -12.93 -16.46 5.92
N SER A 186 -11.78 -16.98 5.54
CA SER A 186 -10.54 -16.25 5.75
C SER A 186 -9.81 -16.17 4.43
N GLY A 187 -8.77 -15.36 4.39
CA GLY A 187 -7.92 -15.20 3.23
C GLY A 187 -7.89 -13.77 2.79
N ASP A 188 -7.22 -13.51 1.68
CA ASP A 188 -7.16 -12.16 1.12
C ASP A 188 -7.83 -12.14 -0.26
N CYS A 189 -8.87 -11.35 -0.37
CA CYS A 189 -9.69 -11.33 -1.57
C CYS A 189 -9.98 -9.87 -1.86
N LYS A 190 -10.41 -9.59 -3.09
CA LYS A 190 -10.75 -8.21 -3.50
C LYS A 190 -12.14 -8.20 -4.12
N ILE A 191 -13.12 -7.69 -3.36
CA ILE A 191 -14.46 -7.40 -3.87
C ILE A 191 -14.37 -6.04 -4.54
N THR A 192 -14.44 -6.02 -5.85
CA THR A 192 -14.28 -4.77 -6.60
C THR A 192 -15.67 -4.15 -6.78
N LYS A 193 -15.94 -3.08 -6.03
CA LYS A 193 -17.26 -2.48 -6.01
C LYS A 193 -17.61 -1.82 -7.34
N SER A 194 -16.65 -1.19 -8.00
CA SER A 194 -16.88 -0.54 -9.29
C SER A 194 -16.76 -1.57 -10.41
N ASN A 195 -17.89 -2.05 -10.94
CA ASN A 195 -17.94 -2.97 -12.09
C ASN A 195 -18.78 -2.32 -13.19
N PHE A 196 -18.15 -1.49 -14.01
CA PHE A 196 -18.94 -0.62 -14.87
C PHE A 196 -19.45 -1.33 -16.13
N ALA A 197 -18.69 -2.29 -16.68
CA ALA A 197 -19.09 -2.95 -17.92
C ALA A 197 -20.48 -3.54 -17.81
N ASN A 198 -20.86 -4.03 -16.64
CA ASN A 198 -22.22 -4.47 -16.34
C ASN A 198 -22.36 -4.49 -14.83
N PRO A 199 -23.06 -3.53 -14.26
CA PRO A 199 -23.07 -3.38 -12.81
C PRO A 199 -23.62 -4.58 -12.07
N TYR A 200 -24.02 -5.61 -12.81
CA TYR A 200 -24.51 -6.83 -12.20
C TYR A 200 -23.61 -8.02 -12.50
N THR A 201 -22.45 -7.80 -13.10
CA THR A 201 -21.39 -8.79 -13.21
C THR A 201 -20.18 -8.23 -12.47
N VAL A 202 -19.83 -8.85 -11.33
CA VAL A 202 -18.82 -8.31 -10.43
C VAL A 202 -17.60 -9.22 -10.41
N SER A 203 -16.42 -8.61 -10.33
CA SER A 203 -15.20 -9.38 -10.36
C SER A 203 -14.72 -9.65 -8.93
N ILE A 204 -13.92 -10.70 -8.80
CA ILE A 204 -13.40 -11.15 -7.52
C ILE A 204 -11.98 -11.59 -7.85
N THR A 205 -10.99 -11.05 -7.16
CA THR A 205 -9.63 -11.48 -7.45
C THR A 205 -8.87 -11.67 -6.13
N SER A 206 -8.08 -12.73 -6.06
CA SER A 206 -7.33 -13.09 -4.86
C SER A 206 -5.97 -13.65 -5.25
N PRO A 207 -4.93 -13.39 -4.42
CA PRO A 207 -3.61 -13.92 -4.75
C PRO A 207 -3.47 -15.39 -4.40
N GLU A 208 -4.22 -15.83 -3.39
CA GLU A 208 -4.09 -17.17 -2.82
C GLU A 208 -4.28 -18.24 -3.90
N LYS A 209 -3.61 -19.40 -3.68
CA LYS A 209 -3.83 -20.55 -4.56
C LYS A 209 -5.31 -20.90 -4.66
N ILE A 210 -6.02 -20.96 -3.52
CA ILE A 210 -7.45 -21.22 -3.48
C ILE A 210 -8.12 -20.26 -2.50
N MET A 211 -9.31 -19.77 -2.88
CA MET A 211 -10.04 -18.75 -2.14
C MET A 211 -11.53 -18.91 -2.42
N GLY A 212 -12.36 -18.54 -1.46
CA GLY A 212 -13.75 -18.94 -1.46
C GLY A 212 -14.72 -17.81 -1.23
N TYR A 213 -15.79 -17.80 -2.03
CA TYR A 213 -16.84 -16.81 -1.88
C TYR A 213 -18.17 -17.51 -1.66
N LEU A 214 -19.15 -16.72 -1.25
CA LEU A 214 -20.49 -17.20 -0.91
C LEU A 214 -21.41 -16.02 -0.59
N ILE A 215 -22.57 -15.91 -1.26
CA ILE A 215 -23.53 -14.85 -0.99
C ILE A 215 -24.57 -15.35 0.03
N LYS A 216 -24.72 -14.64 1.15
CA LYS A 216 -25.37 -15.15 2.34
C LYS A 216 -26.21 -14.06 2.97
N LYS A 217 -27.52 -14.21 2.91
CA LYS A 217 -28.37 -13.46 3.79
C LYS A 217 -28.10 -13.89 5.23
N PRO A 218 -27.97 -12.96 6.17
CA PRO A 218 -27.63 -13.31 7.55
C PRO A 218 -28.70 -14.20 8.17
N GLY A 219 -28.32 -15.44 8.45
CA GLY A 219 -29.16 -16.42 9.10
C GLY A 219 -29.33 -17.69 8.30
N GLU A 220 -29.22 -17.58 6.98
CA GLU A 220 -29.37 -18.72 6.09
C GLU A 220 -28.35 -19.81 6.39
N ASN A 221 -28.81 -21.06 6.37
CA ASN A 221 -27.92 -22.21 6.39
C ASN A 221 -27.36 -22.41 4.98
N VAL A 222 -26.06 -22.22 4.81
CA VAL A 222 -25.46 -22.25 3.49
C VAL A 222 -24.23 -23.15 3.51
N GLU A 223 -24.25 -24.18 4.35
CA GLU A 223 -23.01 -24.84 4.77
C GLU A 223 -22.14 -25.25 3.57
N HIS A 224 -22.70 -26.00 2.64
CA HIS A 224 -21.92 -26.49 1.51
C HIS A 224 -22.04 -25.60 0.27
N LYS A 225 -22.68 -24.41 0.39
CA LYS A 225 -22.86 -23.50 -0.74
C LYS A 225 -21.63 -22.67 -1.07
N VAL A 226 -20.48 -22.94 -0.49
CA VAL A 226 -19.28 -22.14 -0.75
C VAL A 226 -18.70 -22.54 -2.11
N ILE A 227 -18.15 -21.56 -2.81
CA ILE A 227 -17.55 -21.73 -4.13
C ILE A 227 -16.08 -21.28 -4.05
N SER A 228 -15.19 -22.09 -4.61
CA SER A 228 -13.76 -21.83 -4.57
C SER A 228 -13.27 -21.36 -5.93
N PHE A 229 -12.46 -20.29 -5.98
CA PHE A 229 -12.22 -19.63 -7.26
C PHE A 229 -10.77 -19.43 -7.69
N SER A 230 -9.79 -19.78 -6.87
CA SER A 230 -8.38 -19.76 -7.32
C SER A 230 -8.01 -18.35 -7.73
N GLY A 231 -7.58 -18.10 -8.97
CA GLY A 231 -6.94 -16.83 -9.27
C GLY A 231 -7.90 -15.65 -9.31
N SER A 232 -9.02 -15.84 -9.99
CA SER A 232 -9.94 -14.73 -10.19
C SER A 232 -11.27 -15.32 -10.61
N ALA A 233 -12.32 -14.53 -10.48
CA ALA A 233 -13.66 -15.01 -10.77
C ALA A 233 -14.54 -13.81 -11.15
N SER A 234 -15.82 -14.10 -11.44
CA SER A 234 -16.85 -13.12 -11.75
C SER A 234 -18.21 -13.73 -11.44
N ILE A 235 -19.06 -12.91 -10.81
CA ILE A 235 -20.30 -13.35 -10.21
C ILE A 235 -21.45 -12.52 -10.76
N THR A 236 -22.51 -13.20 -11.21
CA THR A 236 -23.75 -12.54 -11.58
C THR A 236 -24.81 -12.93 -10.57
N PHE A 237 -25.42 -11.94 -9.94
CA PHE A 237 -26.41 -12.22 -8.90
C PHE A 237 -27.69 -12.77 -9.51
N THR A 238 -28.26 -13.77 -8.86
CA THR A 238 -29.60 -14.20 -9.22
C THR A 238 -30.61 -13.18 -8.75
N GLU A 239 -31.67 -13.09 -9.55
CA GLU A 239 -32.85 -12.35 -9.17
C GLU A 239 -33.24 -12.62 -7.71
N GLU A 240 -32.98 -13.83 -7.20
CA GLU A 240 -33.35 -14.15 -5.82
C GLU A 240 -32.51 -13.35 -4.82
N MET A 241 -31.21 -13.24 -5.07
CA MET A 241 -30.28 -12.71 -4.08
C MET A 241 -30.28 -11.20 -3.98
N LEU A 242 -30.97 -10.50 -4.89
CA LEU A 242 -30.76 -9.06 -4.99
C LEU A 242 -31.43 -8.27 -3.89
N ASP A 243 -32.27 -8.87 -3.06
CA ASP A 243 -32.84 -8.12 -1.95
C ASP A 243 -31.73 -7.59 -1.05
N GLY A 244 -32.04 -6.48 -0.36
CA GLY A 244 -31.04 -5.66 0.32
C GLY A 244 -30.23 -6.44 1.33
N GLU A 245 -30.79 -7.52 1.87
CA GLU A 245 -30.20 -8.20 3.02
C GLU A 245 -29.12 -9.22 2.67
N HIS A 246 -28.83 -9.47 1.39
CA HIS A 246 -27.78 -10.44 1.10
C HIS A 246 -26.41 -9.78 1.20
N ASN A 247 -25.38 -10.61 1.25
CA ASN A 247 -24.02 -10.16 1.51
C ASN A 247 -23.09 -10.99 0.66
N LEU A 248 -22.11 -10.36 0.04
CA LEU A 248 -21.12 -11.14 -0.71
C LEU A 248 -19.91 -11.29 0.19
N LEU A 249 -19.85 -12.44 0.86
CA LEU A 249 -18.70 -12.84 1.65
C LEU A 249 -17.64 -13.41 0.73
N CYS A 250 -16.44 -12.83 0.74
CA CYS A 250 -15.31 -13.45 0.06
C CYS A 250 -14.09 -13.29 0.96
N GLY A 251 -13.90 -14.23 1.88
CA GLY A 251 -12.78 -14.21 2.81
C GLY A 251 -12.91 -13.20 3.89
N ASP A 252 -11.82 -12.52 4.24
CA ASP A 252 -11.94 -11.53 5.29
C ASP A 252 -12.83 -10.36 4.88
N LYS A 253 -13.14 -10.21 3.59
CA LYS A 253 -13.98 -9.15 3.06
C LYS A 253 -15.46 -9.52 3.07
N SER A 254 -16.31 -8.50 3.13
CA SER A 254 -17.77 -8.64 3.25
C SER A 254 -18.48 -7.36 2.80
N ALA A 255 -19.45 -7.48 1.88
CA ALA A 255 -20.00 -6.33 1.14
C ALA A 255 -21.50 -6.46 0.91
N LYS A 256 -22.25 -5.43 1.32
CA LYS A 256 -23.71 -5.49 1.33
C LYS A 256 -24.27 -5.34 -0.08
N ILE A 257 -25.20 -6.23 -0.45
CA ILE A 257 -25.81 -6.25 -1.78
C ILE A 257 -27.07 -5.38 -1.74
N PRO A 258 -27.17 -4.37 -2.61
CA PRO A 258 -28.30 -3.43 -2.53
C PRO A 258 -29.57 -3.98 -3.16
N LYS A 259 -30.69 -3.54 -2.60
CA LYS A 259 -32.02 -4.00 -3.02
C LYS A 259 -32.39 -3.36 -4.35
N THR A 260 -32.51 -4.18 -5.39
CA THR A 260 -32.95 -3.72 -6.70
C THR A 260 -34.47 -3.77 -6.76
N ASN A 261 -35.07 -2.69 -7.25
CA ASN A 261 -36.54 -2.58 -7.29
C ASN A 261 -37.22 -3.71 -8.05
N LYS A 262 -38.42 -4.07 -7.58
CA LYS A 262 -39.24 -5.12 -8.16
C LYS A 262 -39.26 -5.01 -9.67
N ARG A 263 -39.59 -3.82 -10.16
CA ARG A 263 -39.69 -3.57 -11.58
C ARG A 263 -38.35 -3.76 -12.28
N VAL A 264 -37.32 -3.03 -11.84
CA VAL A 264 -36.04 -2.99 -12.54
C VAL A 264 -35.48 -4.40 -12.74
N ARG A 265 -35.64 -5.24 -11.73
CA ARG A 265 -35.12 -6.60 -11.77
C ARG A 265 -35.74 -7.34 -12.94
N ASP A 266 -37.07 -7.31 -13.04
CA ASP A 266 -37.72 -7.91 -14.19
C ASP A 266 -37.27 -7.24 -15.47
N CYS A 267 -37.00 -5.93 -15.40
CA CYS A 267 -36.58 -5.18 -16.57
C CYS A 267 -35.31 -5.76 -17.19
N ILE A 268 -34.28 -5.94 -16.37
CA ILE A 268 -32.96 -6.30 -16.89
C ILE A 268 -33.00 -7.66 -17.56
N ILE A 269 -33.77 -8.60 -17.01
CA ILE A 269 -33.88 -9.94 -17.56
C ILE A 269 -35.05 -9.99 -18.54
N LEU B 75 11.62 13.24 -41.14
CA LEU B 75 11.58 11.91 -40.55
C LEU B 75 12.74 11.65 -39.58
N PRO B 76 12.55 10.69 -38.67
CA PRO B 76 13.66 10.32 -37.79
C PRO B 76 14.80 9.67 -38.54
N ASN B 77 14.53 9.05 -39.69
CA ASN B 77 15.57 8.33 -40.41
C ASN B 77 16.65 9.27 -40.91
N ASN B 78 16.30 10.52 -41.21
CA ASN B 78 17.31 11.51 -41.55
C ASN B 78 18.24 11.78 -40.38
N CYS B 79 17.71 11.76 -39.16
CA CYS B 79 18.57 11.75 -37.98
C CYS B 79 19.03 10.32 -37.72
N LEU B 80 19.93 10.17 -36.74
CA LEU B 80 20.63 8.91 -36.49
C LEU B 80 21.34 8.42 -37.75
N ASN B 81 21.88 9.38 -38.53
CA ASN B 81 22.63 9.18 -39.77
C ASN B 81 23.81 10.12 -39.81
N ALA B 82 24.30 10.47 -38.63
CA ALA B 82 25.20 11.60 -38.48
C ALA B 82 26.54 11.33 -39.13
N SER B 83 27.07 10.12 -38.97
CA SER B 83 28.38 9.83 -39.54
C SER B 83 28.37 10.01 -41.05
N SER B 84 27.30 9.58 -41.70
CA SER B 84 27.21 9.70 -43.15
C SER B 84 26.99 11.15 -43.58
N LEU B 85 26.19 11.90 -42.82
CA LEU B 85 25.88 13.27 -43.17
C LEU B 85 26.91 14.21 -42.53
N LYS B 86 26.67 15.52 -42.63
CA LYS B 86 27.50 16.52 -41.99
C LYS B 86 26.68 17.27 -40.96
N CYS B 87 27.15 17.25 -39.72
CA CYS B 87 26.38 17.67 -38.57
C CYS B 87 27.12 18.72 -37.76
N GLU B 88 26.42 19.29 -36.76
CA GLU B 88 27.02 20.23 -35.84
C GLU B 88 26.36 20.05 -34.49
N ILE B 89 27.17 19.97 -33.45
CA ILE B 89 26.69 19.83 -32.08
C ILE B 89 26.32 21.22 -31.59
N LYS B 90 25.02 21.49 -31.43
CA LYS B 90 24.55 22.82 -31.06
C LYS B 90 24.50 23.03 -29.55
N GLY B 91 24.26 21.94 -28.80
CA GLY B 91 24.26 21.98 -27.34
C GLY B 91 24.31 20.62 -26.65
N ILE B 92 24.94 20.58 -25.48
CA ILE B 92 25.07 19.34 -24.73
C ILE B 92 24.54 19.57 -23.32
N SER B 93 23.69 18.66 -22.88
CA SER B 93 23.17 18.67 -21.52
C SER B 93 23.67 17.44 -20.79
N THR B 94 23.43 17.41 -19.49
CA THR B 94 23.80 16.23 -18.71
C THR B 94 23.23 14.93 -19.26
N TYR B 95 21.99 14.94 -19.75
CA TYR B 95 21.39 13.66 -20.07
C TYR B 95 21.03 13.46 -21.53
N ASN B 96 21.13 14.49 -22.37
CA ASN B 96 20.97 14.28 -23.81
C ASN B 96 21.61 15.43 -24.54
N VAL B 97 21.73 15.29 -25.86
CA VAL B 97 22.46 16.23 -26.69
C VAL B 97 21.59 16.71 -27.86
N TYR B 98 21.77 17.99 -28.19
CA TYR B 98 21.08 18.69 -29.27
C TYR B 98 22.04 18.87 -30.44
N TYR B 99 21.66 18.38 -31.62
CA TYR B 99 22.57 18.36 -32.77
C TYR B 99 21.78 18.52 -34.05
N GLN B 100 22.33 19.28 -34.98
CA GLN B 100 21.77 19.39 -36.33
C GLN B 100 22.42 18.34 -37.23
N VAL B 101 21.72 18.02 -38.33
CA VAL B 101 22.30 17.32 -39.46
C VAL B 101 21.95 18.10 -40.71
N GLU B 102 22.41 17.60 -41.86
CA GLU B 102 22.04 18.22 -43.12
C GLU B 102 22.00 17.16 -44.23
N ASN B 103 20.84 17.04 -44.87
CA ASN B 103 20.56 16.00 -45.85
C ASN B 103 20.04 16.70 -47.11
N ASN B 104 20.94 16.99 -48.04
CA ASN B 104 20.57 17.58 -49.34
C ASN B 104 19.98 18.97 -49.15
N GLY B 105 20.59 19.77 -48.28
CA GLY B 105 20.35 21.19 -48.27
C GLY B 105 19.35 21.73 -47.27
N VAL B 106 18.77 20.89 -46.42
CA VAL B 106 17.82 21.34 -45.40
C VAL B 106 18.31 20.86 -44.03
N ILE B 107 18.44 21.80 -43.09
CA ILE B 107 18.86 21.48 -41.72
C ILE B 107 17.79 20.61 -41.07
N TYR B 108 18.21 19.48 -40.51
CA TYR B 108 17.30 18.57 -39.80
C TYR B 108 17.75 18.45 -38.34
N SER B 109 17.33 19.41 -37.51
CA SER B 109 17.74 19.40 -36.10
C SER B 109 17.08 18.25 -35.35
N CYS B 110 17.80 17.72 -34.36
CA CYS B 110 17.22 16.70 -33.51
C CYS B 110 17.87 16.74 -32.15
N VAL B 111 17.29 15.97 -31.22
CA VAL B 111 17.84 15.73 -29.89
C VAL B 111 17.76 14.24 -29.62
N SER B 112 18.78 13.70 -28.95
CA SER B 112 18.79 12.29 -28.56
C SER B 112 19.73 12.13 -27.37
N ASP B 113 19.60 10.98 -26.70
CA ASP B 113 20.48 10.61 -25.59
C ASP B 113 21.65 9.77 -26.03
N SER B 114 21.67 9.33 -27.28
CA SER B 114 22.72 8.45 -27.78
C SER B 114 23.93 9.29 -28.18
N ALA B 115 25.11 8.79 -27.86
CA ALA B 115 26.35 9.41 -28.28
C ALA B 115 26.91 8.77 -29.55
N GLU B 116 26.06 8.16 -30.36
CA GLU B 116 26.49 7.33 -31.48
C GLU B 116 26.70 8.15 -32.75
N GLY B 117 27.84 7.95 -33.40
CA GLY B 117 28.16 8.61 -34.65
C GLY B 117 28.33 10.11 -34.56
N LEU B 118 28.25 10.71 -33.39
CA LEU B 118 28.30 12.16 -33.23
C LEU B 118 29.70 12.70 -33.03
N GLU B 119 30.69 11.82 -32.85
CA GLU B 119 32.06 12.27 -32.68
C GLU B 119 32.60 12.92 -33.94
N LYS B 120 32.06 12.53 -35.10
CA LYS B 120 32.49 13.13 -36.35
C LYS B 120 32.11 14.60 -36.43
N CYS B 121 30.99 14.99 -35.83
CA CYS B 121 30.41 16.31 -36.07
C CYS B 121 31.29 17.40 -35.47
N ASP B 122 31.03 18.64 -35.88
CA ASP B 122 31.78 19.78 -35.36
C ASP B 122 31.50 19.97 -33.87
N ASN B 123 32.39 20.70 -33.19
CA ASN B 123 32.19 21.05 -31.78
C ASN B 123 31.80 19.83 -30.93
N SER B 124 32.38 18.68 -31.25
CA SER B 124 32.08 17.43 -30.55
C SER B 124 33.04 17.17 -29.40
N LEU B 125 33.75 18.18 -28.91
CA LEU B 125 34.88 17.92 -28.02
C LEU B 125 34.45 17.59 -26.61
N ASN B 126 33.26 18.03 -26.21
CA ASN B 126 32.77 17.85 -24.85
C ASN B 126 31.66 16.81 -24.75
N LEU B 127 31.37 16.09 -25.85
CA LEU B 127 30.46 14.94 -25.79
C LEU B 127 30.94 13.92 -24.76
N PRO B 128 30.21 13.68 -23.68
CA PRO B 128 30.59 12.60 -22.78
C PRO B 128 30.54 11.26 -23.51
N LYS B 129 31.20 10.27 -22.91
CA LYS B 129 31.23 8.93 -23.50
C LYS B 129 29.83 8.44 -23.84
N ARG B 130 28.99 8.26 -22.82
CA ARG B 130 27.61 7.85 -22.96
C ARG B 130 26.79 8.57 -21.88
N PHE B 131 25.53 8.90 -22.19
CA PHE B 131 24.66 9.64 -21.28
C PHE B 131 23.95 8.70 -20.30
N SER B 132 23.53 9.26 -19.16
CA SER B 132 23.12 8.41 -18.03
C SER B 132 21.83 7.64 -18.28
N LYS B 133 20.90 8.19 -19.03
CA LYS B 133 19.66 7.50 -19.43
C LYS B 133 18.85 6.94 -18.25
N VAL B 134 18.88 7.64 -17.11
CA VAL B 134 18.06 7.34 -15.93
C VAL B 134 16.72 8.08 -15.94
N PRO B 135 15.74 7.63 -15.16
CA PRO B 135 14.48 8.36 -15.05
C PRO B 135 14.63 9.68 -14.30
N VAL B 136 14.09 10.73 -14.90
CA VAL B 136 14.46 12.11 -14.61
C VAL B 136 13.47 13.05 -15.27
N ILE B 137 13.06 14.08 -14.55
CA ILE B 137 12.05 15.02 -15.04
C ILE B 137 12.40 16.43 -14.59
N PRO B 138 11.89 17.44 -15.29
CA PRO B 138 12.24 18.83 -14.95
C PRO B 138 11.56 19.31 -13.70
N ILE B 139 12.33 20.03 -12.91
CA ILE B 139 11.93 20.49 -11.59
C ILE B 139 11.15 21.81 -11.72
N THR B 140 9.92 21.84 -11.17
CA THR B 140 8.97 22.95 -11.33
C THR B 140 8.99 23.94 -10.17
N LYS B 141 8.92 23.46 -8.92
CA LYS B 141 9.09 24.36 -7.78
C LYS B 141 10.55 24.79 -7.72
N LEU B 142 10.79 26.08 -7.70
CA LEU B 142 12.16 26.54 -7.81
C LEU B 142 12.89 26.60 -6.47
N ASP B 143 12.22 26.28 -5.36
CA ASP B 143 12.91 26.17 -4.08
C ASP B 143 13.62 24.84 -3.99
N ASN B 144 13.05 23.80 -4.59
CA ASN B 144 13.65 22.47 -4.50
C ASN B 144 14.97 22.33 -5.24
N LYS B 145 15.38 23.32 -6.02
CA LYS B 145 16.51 23.13 -6.93
C LYS B 145 17.79 22.78 -6.17
N ARG B 146 18.15 23.57 -5.17
CA ARG B 146 19.39 23.31 -4.42
C ARG B 146 19.36 21.94 -3.78
N HIS B 147 18.20 21.53 -3.26
CA HIS B 147 18.04 20.22 -2.61
C HIS B 147 18.07 19.07 -3.62
N PHE B 148 17.52 19.28 -4.82
CA PHE B 148 17.16 18.22 -5.74
C PHE B 148 17.89 18.20 -7.09
N SER B 149 18.73 19.21 -7.41
CA SER B 149 19.37 19.28 -8.74
C SER B 149 20.30 18.10 -8.99
N VAL B 150 20.18 17.53 -10.20
CA VAL B 150 20.96 16.33 -10.62
C VAL B 150 21.38 16.55 -12.05
N GLY B 151 21.37 17.79 -12.52
CA GLY B 151 21.88 18.27 -13.79
C GLY B 151 20.82 18.95 -14.63
N THR B 152 21.03 18.97 -15.94
CA THR B 152 20.20 19.66 -16.93
C THR B 152 19.89 18.70 -18.08
N LYS B 153 18.76 18.90 -18.72
CA LYS B 153 18.40 18.05 -19.84
C LYS B 153 17.57 18.86 -20.83
N PHE B 154 17.63 18.47 -22.10
CA PHE B 154 16.83 19.12 -23.13
C PHE B 154 15.43 18.53 -23.18
N PHE B 155 14.44 19.39 -23.41
CA PHE B 155 13.06 18.98 -23.65
C PHE B 155 12.48 19.84 -24.77
N ILE B 156 11.36 19.36 -25.34
CA ILE B 156 10.70 20.01 -26.48
C ILE B 156 9.60 20.96 -25.96
N SER B 157 9.64 22.21 -26.41
CA SER B 157 8.80 23.25 -25.84
C SER B 157 8.09 24.01 -26.96
N GLU B 158 6.75 24.07 -26.90
CA GLU B 158 6.01 24.84 -27.91
C GLU B 158 6.43 26.30 -27.82
N SER B 159 6.59 26.94 -28.99
CA SER B 159 7.20 28.27 -29.03
C SER B 159 6.21 29.36 -28.67
N LEU B 160 6.75 30.50 -28.20
CA LEU B 160 5.93 31.62 -27.76
C LEU B 160 5.46 32.50 -28.90
N THR B 161 6.18 32.50 -30.03
CA THR B 161 5.84 33.24 -31.22
C THR B 161 5.19 32.35 -32.28
N GLN B 162 4.63 31.20 -31.87
CA GLN B 162 4.10 30.14 -32.72
C GLN B 162 5.07 29.70 -33.81
N ASP B 163 6.33 30.11 -33.68
CA ASP B 163 7.42 29.72 -34.58
C ASP B 163 7.91 28.32 -34.20
N ASN B 164 7.13 27.31 -34.62
CA ASN B 164 7.39 25.91 -34.31
C ASN B 164 8.02 25.22 -35.52
N TYR B 165 9.25 24.76 -35.36
CA TYR B 165 9.97 24.08 -36.41
C TYR B 165 10.23 22.63 -36.02
N PRO B 166 10.31 21.71 -36.98
CA PRO B 166 10.30 20.28 -36.65
C PRO B 166 11.60 19.79 -36.03
N ILE B 167 11.47 18.92 -35.03
CA ILE B 167 12.61 18.35 -34.31
C ILE B 167 12.31 16.89 -34.01
N THR B 168 13.35 16.07 -33.92
CA THR B 168 13.17 14.70 -33.45
C THR B 168 13.89 14.48 -32.12
N TYR B 169 13.18 13.89 -31.16
CA TYR B 169 13.55 13.81 -29.75
C TYR B 169 13.47 12.37 -29.32
N ASN B 170 14.64 11.77 -29.01
CA ASN B 170 14.77 10.34 -28.75
C ASN B 170 14.05 9.62 -29.88
N SER B 171 14.31 10.08 -31.11
CA SER B 171 13.75 9.50 -32.32
C SER B 171 12.22 9.64 -32.37
N TYR B 172 11.68 10.72 -31.81
CA TYR B 172 10.26 10.98 -31.96
C TYR B 172 10.03 12.23 -32.78
N PRO B 173 9.19 12.16 -33.80
CA PRO B 173 8.96 13.33 -34.65
C PRO B 173 7.99 14.30 -33.98
N THR B 174 8.32 15.58 -33.97
CA THR B 174 7.41 16.60 -33.44
C THR B 174 7.86 17.99 -33.87
N ASN B 175 6.94 18.97 -33.74
CA ASN B 175 7.27 20.38 -33.83
C ASN B 175 7.34 20.99 -32.44
N GLY B 176 8.21 21.98 -32.29
CA GLY B 176 8.44 22.60 -31.01
C GLY B 176 9.72 23.41 -31.07
N THR B 177 10.30 23.68 -29.91
CA THR B 177 11.55 24.42 -29.82
C THR B 177 12.28 23.97 -28.57
N VAL B 178 13.57 23.66 -28.68
CA VAL B 178 14.27 23.06 -27.55
C VAL B 178 14.52 24.08 -26.46
N SER B 179 14.32 23.65 -25.21
CA SER B 179 14.56 24.46 -24.03
C SER B 179 15.32 23.62 -23.02
N LEU B 180 16.43 24.17 -22.52
CA LEU B 180 17.23 23.51 -21.50
C LEU B 180 16.59 23.74 -20.13
N GLN B 181 16.59 22.69 -19.29
CA GLN B 181 15.88 22.75 -18.04
C GLN B 181 16.64 21.96 -16.99
N THR B 182 16.66 22.51 -15.77
CA THR B 182 17.20 21.77 -14.62
C THR B 182 16.27 20.61 -14.27
N VAL B 183 16.86 19.46 -13.94
CA VAL B 183 16.14 18.21 -13.86
C VAL B 183 16.20 17.68 -12.43
N LYS B 184 15.27 16.77 -12.13
CA LYS B 184 15.01 16.22 -10.80
C LYS B 184 14.99 14.71 -10.93
N LEU B 185 15.35 14.00 -9.89
CA LEU B 185 15.25 12.55 -10.04
C LEU B 185 13.78 12.15 -10.03
N SER B 186 13.39 11.29 -10.95
CA SER B 186 12.02 10.78 -10.94
C SER B 186 11.97 9.28 -10.97
N GLY B 187 10.95 8.71 -10.34
CA GLY B 187 10.67 7.31 -10.54
C GLY B 187 10.34 6.69 -9.21
N ASP B 188 9.88 5.45 -9.18
CA ASP B 188 9.63 4.77 -7.91
C ASP B 188 10.96 4.21 -7.38
N CYS B 189 11.29 4.50 -6.12
CA CYS B 189 12.52 3.97 -5.55
C CYS B 189 12.40 4.12 -4.04
N LYS B 190 12.01 3.04 -3.37
CA LYS B 190 11.83 3.14 -1.92
C LYS B 190 13.15 2.91 -1.19
N ILE B 191 13.45 3.81 -0.27
CA ILE B 191 14.56 3.68 0.64
C ILE B 191 14.10 2.96 1.90
N THR B 192 14.80 1.92 2.27
CA THR B 192 14.37 1.08 3.38
C THR B 192 14.86 1.69 4.67
N LYS B 193 14.07 2.58 5.28
CA LYS B 193 14.57 3.36 6.45
C LYS B 193 15.12 2.49 7.57
N SER B 194 14.59 1.29 7.77
CA SER B 194 15.01 0.50 8.92
C SER B 194 15.96 -0.59 8.42
N ASN B 195 17.25 -0.24 8.32
CA ASN B 195 18.32 -1.21 8.04
C ASN B 195 19.16 -1.35 9.31
N PHE B 196 19.12 -2.53 9.91
CA PHE B 196 19.70 -2.76 11.24
C PHE B 196 20.97 -3.60 11.21
N ALA B 197 21.21 -4.33 10.12
CA ALA B 197 22.44 -5.11 9.99
C ALA B 197 23.67 -4.31 10.44
N ASN B 198 23.99 -3.22 9.75
CA ASN B 198 24.74 -2.10 10.31
C ASN B 198 24.01 -0.88 9.77
N PRO B 199 23.86 0.14 10.60
CA PRO B 199 23.06 1.30 10.21
C PRO B 199 23.67 2.07 9.09
N TYR B 200 24.90 1.77 8.69
CA TYR B 200 25.56 2.59 7.69
C TYR B 200 25.52 1.96 6.30
N THR B 201 24.61 1.02 6.09
CA THR B 201 24.32 0.51 4.76
C THR B 201 22.81 0.44 4.56
N VAL B 202 22.30 1.18 3.60
CA VAL B 202 20.89 1.18 3.28
C VAL B 202 20.71 0.53 1.91
N SER B 203 19.59 -0.14 1.73
CA SER B 203 19.29 -0.78 0.46
C SER B 203 18.25 0.04 -0.28
N ILE B 204 18.36 0.07 -1.58
CA ILE B 204 17.42 0.80 -2.41
C ILE B 204 16.75 -0.22 -3.32
N THR B 205 15.42 -0.22 -3.34
CA THR B 205 14.64 -1.13 -4.16
C THR B 205 13.84 -0.33 -5.19
N SER B 206 13.88 -0.75 -6.45
CA SER B 206 13.10 -0.08 -7.49
C SER B 206 12.45 -1.04 -8.47
N PRO B 207 11.17 -0.81 -8.79
CA PRO B 207 10.54 -1.65 -9.81
C PRO B 207 10.97 -1.30 -11.22
N GLU B 208 11.63 -0.17 -11.42
CA GLU B 208 11.89 0.28 -12.77
C GLU B 208 12.97 -0.58 -13.42
N LYS B 209 13.06 -0.46 -14.75
CA LYS B 209 14.15 -1.07 -15.50
C LYS B 209 15.49 -0.42 -15.15
N ILE B 210 15.54 0.91 -15.12
CA ILE B 210 16.71 1.64 -14.64
C ILE B 210 16.21 2.63 -13.60
N MET B 211 17.03 2.94 -12.60
CA MET B 211 16.66 3.93 -11.60
C MET B 211 17.93 4.58 -11.10
N GLY B 212 17.88 5.89 -10.84
CA GLY B 212 19.08 6.58 -10.43
C GLY B 212 19.11 6.97 -8.97
N TYR B 213 20.30 7.15 -8.43
CA TYR B 213 20.36 7.55 -7.03
C TYR B 213 21.68 8.26 -6.84
N LEU B 214 21.71 9.18 -5.87
CA LEU B 214 22.96 9.78 -5.45
C LEU B 214 22.73 10.49 -4.14
N ILE B 215 23.80 10.67 -3.38
CA ILE B 215 23.76 11.46 -2.15
C ILE B 215 24.24 12.86 -2.50
N LYS B 216 23.36 13.85 -2.33
CA LYS B 216 23.65 15.24 -2.65
C LYS B 216 23.47 16.10 -1.41
N LYS B 217 24.48 16.88 -1.08
CA LYS B 217 24.27 17.97 -0.14
C LYS B 217 23.45 19.07 -0.84
N PRO B 218 22.58 19.77 -0.11
CA PRO B 218 21.89 20.91 -0.74
C PRO B 218 22.87 21.97 -1.23
N GLY B 219 22.93 22.19 -2.54
CA GLY B 219 23.78 23.18 -3.16
C GLY B 219 25.10 22.68 -3.72
N GLU B 220 25.34 21.36 -3.71
CA GLU B 220 26.58 20.80 -4.21
C GLU B 220 26.71 20.97 -5.72
N ASN B 221 27.92 20.75 -6.21
CA ASN B 221 28.18 20.67 -7.64
C ASN B 221 28.20 19.21 -8.12
N VAL B 222 27.08 18.53 -7.90
CA VAL B 222 26.83 17.23 -8.49
C VAL B 222 27.02 17.34 -10.00
N GLU B 223 27.43 16.26 -10.66
CA GLU B 223 27.84 16.39 -12.06
C GLU B 223 27.47 15.14 -12.85
N HIS B 224 28.06 15.02 -14.06
CA HIS B 224 27.60 14.05 -15.05
C HIS B 224 27.59 12.63 -14.50
N LYS B 225 28.67 12.24 -13.82
CA LYS B 225 28.88 10.87 -13.38
C LYS B 225 28.65 10.70 -11.89
N VAL B 226 28.08 11.70 -11.21
CA VAL B 226 27.80 11.54 -9.79
C VAL B 226 26.50 10.80 -9.57
N ILE B 227 25.86 10.33 -10.63
CA ILE B 227 24.63 9.58 -10.52
C ILE B 227 24.89 8.13 -10.90
N SER B 228 24.17 7.19 -10.26
CA SER B 228 24.51 5.77 -10.40
C SER B 228 23.45 4.78 -10.90
N PHE B 229 23.79 3.89 -11.82
CA PHE B 229 22.72 2.98 -12.32
C PHE B 229 22.24 1.90 -11.36
N SER B 230 20.96 1.51 -11.33
CA SER B 230 20.47 0.57 -10.29
C SER B 230 19.25 -0.26 -10.63
N GLY B 231 19.40 -1.52 -11.04
CA GLY B 231 18.21 -2.38 -11.22
C GLY B 231 17.57 -2.62 -9.86
N SER B 232 18.36 -2.98 -8.85
CA SER B 232 17.92 -3.08 -7.44
C SER B 232 19.20 -3.27 -6.67
N ALA B 233 19.46 -2.56 -5.57
CA ALA B 233 20.81 -2.66 -4.98
C ALA B 233 20.98 -2.09 -3.58
N SER B 234 22.22 -2.13 -3.10
CA SER B 234 22.52 -1.66 -1.73
C SER B 234 23.68 -0.68 -1.84
N ILE B 235 23.79 0.22 -0.89
CA ILE B 235 24.83 1.26 -1.01
C ILE B 235 25.44 1.47 0.35
N THR B 236 26.65 1.99 0.39
CA THR B 236 27.37 2.18 1.64
C THR B 236 27.91 3.60 1.72
N PHE B 237 28.11 4.11 2.92
CA PHE B 237 28.32 5.54 3.05
C PHE B 237 29.81 5.93 3.09
N THR B 238 30.06 7.23 3.32
CA THR B 238 31.40 7.83 3.40
C THR B 238 31.42 8.78 4.58
N GLU B 239 32.60 8.96 5.20
CA GLU B 239 32.70 9.83 6.37
C GLU B 239 32.15 11.23 6.10
N GLU B 240 32.33 11.75 4.87
CA GLU B 240 31.85 13.10 4.56
C GLU B 240 30.33 13.16 4.54
N MET B 241 29.67 12.11 4.03
CA MET B 241 28.21 12.12 3.93
C MET B 241 27.55 12.13 5.29
N LEU B 242 28.12 11.43 6.26
CA LEU B 242 27.62 11.36 7.62
C LEU B 242 27.65 12.71 8.33
N ASP B 243 28.16 13.74 7.65
CA ASP B 243 27.86 15.13 7.98
C ASP B 243 26.36 15.32 8.10
N GLY B 244 25.95 16.23 8.98
CA GLY B 244 24.54 16.53 9.18
C GLY B 244 23.72 16.77 7.93
N GLU B 245 24.34 17.25 6.83
CA GLU B 245 23.51 17.86 5.78
C GLU B 245 23.17 16.96 4.58
N HIS B 246 24.11 16.10 4.13
CA HIS B 246 23.90 15.32 2.90
C HIS B 246 22.56 14.56 2.92
N ASN B 247 21.88 14.54 1.76
CA ASN B 247 20.56 13.94 1.58
C ASN B 247 20.67 12.85 0.53
N LEU B 248 19.99 11.72 0.75
CA LEU B 248 20.01 10.62 -0.20
C LEU B 248 18.86 10.76 -1.20
N LEU B 249 19.18 11.03 -2.45
CA LEU B 249 18.17 11.23 -3.50
C LEU B 249 18.12 10.00 -4.39
N CYS B 250 17.00 9.28 -4.33
CA CYS B 250 16.69 8.20 -5.25
C CYS B 250 15.26 8.34 -5.75
N GLY B 251 15.11 8.53 -7.06
CA GLY B 251 13.79 8.62 -7.67
C GLY B 251 12.96 9.73 -7.05
N ASP B 252 11.70 9.42 -6.79
CA ASP B 252 10.81 10.34 -6.07
C ASP B 252 11.39 10.76 -4.72
N LYS B 253 11.94 9.82 -3.98
CA LYS B 253 12.12 10.02 -2.55
C LYS B 253 13.38 10.81 -2.22
N SER B 254 13.33 11.50 -1.08
CA SER B 254 14.52 12.12 -0.50
C SER B 254 14.58 11.69 0.96
N ALA B 255 15.81 11.57 1.48
CA ALA B 255 16.07 11.02 2.81
C ALA B 255 17.24 11.75 3.47
N LYS B 256 17.09 12.15 4.73
CA LYS B 256 18.10 12.94 5.41
C LYS B 256 19.08 12.02 6.14
N ILE B 257 20.33 12.04 5.69
CA ILE B 257 21.41 11.30 6.28
C ILE B 257 21.92 12.05 7.50
N PRO B 258 21.66 11.56 8.70
CA PRO B 258 21.87 12.37 9.91
C PRO B 258 23.33 12.37 10.36
N LYS B 259 23.66 13.32 11.22
CA LYS B 259 25.03 13.49 11.63
C LYS B 259 25.48 12.41 12.62
N THR B 260 26.62 11.77 12.32
CA THR B 260 27.35 10.91 13.25
C THR B 260 28.59 11.65 13.72
N ASN B 261 28.57 12.15 14.96
CA ASN B 261 29.64 13.01 15.45
C ASN B 261 31.00 12.36 15.26
N LYS B 262 32.04 13.18 15.34
CA LYS B 262 33.39 12.66 15.14
C LYS B 262 33.73 11.60 16.18
N ARG B 263 33.27 11.78 17.41
CA ARG B 263 33.57 10.81 18.46
C ARG B 263 33.19 9.39 18.02
N VAL B 264 31.93 9.18 17.62
CA VAL B 264 31.50 7.84 17.25
C VAL B 264 32.19 7.38 15.98
N ARG B 265 32.31 8.28 15.00
CA ARG B 265 33.04 7.95 13.78
C ARG B 265 34.39 7.32 14.14
N ASP B 266 35.15 7.96 15.01
CA ASP B 266 36.51 7.49 15.27
C ASP B 266 36.50 6.11 15.89
N CYS B 267 35.54 5.85 16.79
CA CYS B 267 35.40 4.55 17.43
C CYS B 267 35.23 3.44 16.40
N ILE B 268 34.50 3.72 15.31
CA ILE B 268 34.24 2.73 14.27
C ILE B 268 35.50 2.44 13.47
N ILE B 269 36.34 3.45 13.28
CA ILE B 269 37.57 3.23 12.52
C ILE B 269 38.50 2.30 13.28
N LYS B 270 38.75 2.59 14.56
CA LYS B 270 39.62 1.71 15.35
C LYS B 270 39.04 0.29 15.38
N TYR B 271 37.71 0.19 15.40
CA TYR B 271 37.06 -1.11 15.26
C TYR B 271 37.57 -1.92 14.08
N SER B 272 37.66 -1.27 12.93
CA SER B 272 37.87 -2.01 11.70
C SER B 272 39.24 -2.68 11.61
N LYS B 273 40.21 -2.25 12.42
CA LYS B 273 41.56 -2.82 12.34
C LYS B 273 41.63 -4.24 12.90
N SER B 274 40.97 -4.50 14.03
CA SER B 274 41.01 -5.81 14.67
C SER B 274 40.33 -6.87 13.81
N ILE B 275 40.76 -8.12 13.98
CA ILE B 275 40.25 -9.23 13.17
C ILE B 275 38.73 -9.29 13.22
N SER C 73 17.91 45.07 -0.85
CA SER C 73 17.28 45.02 -2.16
C SER C 73 17.52 43.68 -2.82
N ASP C 74 16.51 42.80 -2.71
CA ASP C 74 16.42 41.54 -3.45
C ASP C 74 15.07 41.43 -4.16
N LEU C 75 14.35 42.56 -4.29
CA LEU C 75 12.91 42.53 -4.39
C LEU C 75 12.40 42.23 -5.80
N PRO C 76 11.59 41.18 -5.97
CA PRO C 76 10.70 41.10 -7.13
C PRO C 76 9.61 42.15 -7.13
N ASN C 77 9.64 43.07 -6.18
CA ASN C 77 8.48 43.91 -5.88
C ASN C 77 7.92 44.63 -7.10
N ASN C 78 8.77 44.97 -8.06
CA ASN C 78 8.25 45.61 -9.27
C ASN C 78 7.25 44.72 -10.00
N CYS C 79 7.49 43.41 -10.05
CA CYS C 79 6.53 42.50 -10.69
C CYS C 79 5.18 42.56 -9.99
N LEU C 80 5.19 42.29 -8.68
CA LEU C 80 3.94 42.22 -7.92
C LEU C 80 3.06 43.44 -8.14
N ASN C 81 3.67 44.63 -8.21
CA ASN C 81 2.89 45.87 -8.33
C ASN C 81 2.84 46.34 -9.78
N ALA C 82 1.99 45.70 -10.55
CA ALA C 82 1.84 46.05 -11.97
C ALA C 82 0.79 47.11 -12.25
N SER C 83 -0.12 47.37 -11.30
CA SER C 83 -1.11 48.43 -11.49
C SER C 83 -0.45 49.79 -11.66
N SER C 84 0.61 50.04 -10.90
CA SER C 84 1.34 51.28 -11.04
C SER C 84 2.08 51.34 -12.38
N LEU C 85 2.87 50.33 -12.69
CA LEU C 85 3.85 50.38 -13.76
C LEU C 85 3.23 50.10 -15.13
N LYS C 86 4.05 50.14 -16.17
CA LYS C 86 3.64 49.85 -17.55
C LYS C 86 4.01 48.41 -17.91
N CYS C 87 3.02 47.53 -18.02
CA CYS C 87 3.25 46.12 -18.30
C CYS C 87 2.78 45.77 -19.70
N GLU C 88 3.35 44.70 -20.23
CA GLU C 88 2.95 44.15 -21.52
C GLU C 88 2.74 42.65 -21.33
N ILE C 89 1.53 42.18 -21.58
CA ILE C 89 1.21 40.76 -21.53
C ILE C 89 1.96 40.08 -22.68
N LYS C 90 2.98 39.26 -22.38
CA LYS C 90 3.70 38.61 -23.48
C LYS C 90 3.35 37.14 -23.67
N GLY C 91 2.47 36.57 -22.87
CA GLY C 91 2.03 35.22 -23.12
C GLY C 91 0.91 34.75 -22.21
N ILE C 92 -0.16 34.19 -22.78
CA ILE C 92 -1.27 33.65 -22.02
C ILE C 92 -1.18 32.12 -22.14
N SER C 93 -1.37 31.42 -21.04
CA SER C 93 -1.25 29.96 -20.99
C SER C 93 -2.36 29.42 -20.12
N THR C 94 -2.60 28.11 -20.19
CA THR C 94 -3.81 27.57 -19.56
C THR C 94 -3.82 27.82 -18.05
N TYR C 95 -2.66 28.06 -17.44
CA TYR C 95 -2.59 28.04 -15.99
C TYR C 95 -1.85 29.22 -15.39
N ASN C 96 -1.16 30.05 -16.19
CA ASN C 96 -0.47 31.23 -15.68
C ASN C 96 -0.22 32.20 -16.86
N VAL C 97 0.37 33.35 -16.54
CA VAL C 97 0.61 34.40 -17.52
C VAL C 97 2.05 34.89 -17.47
N TYR C 98 2.59 35.19 -18.64
CA TYR C 98 3.92 35.78 -18.80
C TYR C 98 3.73 37.27 -19.12
N TYR C 99 4.22 38.14 -18.23
CA TYR C 99 4.03 39.59 -18.38
C TYR C 99 5.31 40.29 -17.95
N GLN C 100 5.48 41.52 -18.42
CA GLN C 100 6.72 42.27 -18.23
C GLN C 100 6.40 43.69 -17.83
N VAL C 101 6.91 44.11 -16.68
CA VAL C 101 6.74 45.48 -16.20
C VAL C 101 7.99 46.26 -16.51
N GLU C 102 7.98 47.54 -16.15
CA GLU C 102 9.10 48.43 -16.43
C GLU C 102 9.07 49.55 -15.38
N ASN C 103 10.16 49.69 -14.63
CA ASN C 103 10.27 50.73 -13.61
C ASN C 103 11.56 51.49 -13.81
N ASN C 104 11.43 52.74 -14.26
CA ASN C 104 12.56 53.66 -14.44
C ASN C 104 13.64 53.02 -15.31
N GLY C 105 13.24 52.64 -16.52
CA GLY C 105 14.20 52.24 -17.52
C GLY C 105 14.84 50.89 -17.33
N VAL C 106 14.28 50.02 -16.50
CA VAL C 106 14.73 48.63 -16.41
C VAL C 106 13.51 47.70 -16.44
N ILE C 107 13.51 46.75 -17.37
CA ILE C 107 12.36 45.87 -17.60
C ILE C 107 12.52 44.57 -16.82
N TYR C 108 11.50 44.19 -16.06
CA TYR C 108 11.53 42.94 -15.33
C TYR C 108 10.55 41.94 -15.94
N SER C 109 10.95 40.67 -15.99
CA SER C 109 10.09 39.60 -16.45
C SER C 109 9.41 38.98 -15.23
N CYS C 110 8.15 38.57 -15.42
CA CYS C 110 7.39 37.87 -14.40
C CYS C 110 6.48 36.81 -15.02
N VAL C 111 6.29 35.72 -14.28
CA VAL C 111 5.19 34.78 -14.50
C VAL C 111 4.38 34.66 -13.20
N SER C 112 3.05 34.48 -13.32
CA SER C 112 2.20 34.32 -12.14
C SER C 112 0.95 33.51 -12.47
N ASP C 113 0.29 33.01 -11.42
CA ASP C 113 -0.91 32.20 -11.55
C ASP C 113 -2.19 32.99 -11.35
N SER C 114 -2.10 34.31 -11.20
CA SER C 114 -3.31 35.10 -11.07
C SER C 114 -3.10 36.44 -11.74
N ALA C 115 -4.11 36.85 -12.52
CA ALA C 115 -4.08 38.02 -13.36
C ALA C 115 -4.48 39.30 -12.64
N GLU C 116 -4.69 39.26 -11.32
CA GLU C 116 -5.03 40.47 -10.58
C GLU C 116 -3.94 41.52 -10.73
N GLY C 117 -4.37 42.76 -11.00
CA GLY C 117 -3.42 43.85 -11.14
C GLY C 117 -2.92 44.03 -12.54
N LEU C 118 -3.40 43.25 -13.50
CA LEU C 118 -2.95 43.29 -14.88
C LEU C 118 -4.04 43.80 -15.82
N GLU C 119 -4.97 44.58 -15.28
CA GLU C 119 -6.12 45.03 -16.07
C GLU C 119 -5.70 46.06 -17.12
N LYS C 120 -4.65 46.82 -16.85
CA LYS C 120 -4.25 47.90 -17.72
C LYS C 120 -3.15 47.51 -18.70
N CYS C 121 -2.73 46.25 -18.72
CA CYS C 121 -1.50 45.92 -19.43
C CYS C 121 -1.71 45.93 -20.93
N ASP C 122 -0.63 46.06 -21.69
CA ASP C 122 -0.77 46.50 -23.07
C ASP C 122 -1.49 45.48 -23.93
N ASN C 123 -1.26 44.20 -23.70
CA ASN C 123 -2.02 43.27 -24.49
C ASN C 123 -2.85 42.39 -23.57
N SER C 124 -3.52 43.03 -22.63
CA SER C 124 -4.27 42.28 -21.60
C SER C 124 -5.65 42.02 -22.08
N LEU C 125 -5.78 41.53 -23.30
CA LEU C 125 -7.17 41.51 -23.75
C LEU C 125 -7.84 40.18 -23.46
N ASN C 126 -7.14 39.09 -23.67
CA ASN C 126 -7.75 37.78 -23.54
C ASN C 126 -7.61 37.19 -22.16
N LEU C 127 -6.99 37.90 -21.21
CA LEU C 127 -6.66 37.29 -19.92
C LEU C 127 -7.95 36.81 -19.23
N PRO C 128 -7.90 35.69 -18.52
CA PRO C 128 -9.01 35.33 -17.64
C PRO C 128 -8.88 36.04 -16.31
N LYS C 129 -9.98 36.02 -15.56
CA LYS C 129 -9.94 36.63 -14.24
C LYS C 129 -9.04 35.82 -13.30
N ARG C 130 -9.16 34.49 -13.36
CA ARG C 130 -8.40 33.57 -12.54
C ARG C 130 -7.88 32.44 -13.42
N PHE C 131 -6.65 32.01 -13.16
CA PHE C 131 -6.15 30.76 -13.71
C PHE C 131 -6.48 29.64 -12.71
N SER C 132 -6.70 28.44 -13.24
CA SER C 132 -6.92 27.29 -12.36
C SER C 132 -5.65 26.91 -11.63
N LYS C 133 -5.79 26.64 -10.34
CA LYS C 133 -4.62 26.41 -9.51
C LYS C 133 -4.41 24.92 -9.19
N VAL C 134 -4.89 24.02 -10.06
CA VAL C 134 -4.67 22.59 -9.90
C VAL C 134 -3.18 22.30 -10.09
N PRO C 135 -2.68 21.21 -9.56
CA PRO C 135 -1.27 20.88 -9.75
C PRO C 135 -1.00 20.12 -11.04
N VAL C 136 -0.12 20.67 -11.87
CA VAL C 136 0.24 20.13 -13.18
C VAL C 136 1.75 20.19 -13.35
N ILE C 137 2.28 19.27 -14.16
CA ILE C 137 3.71 19.24 -14.49
C ILE C 137 3.87 19.04 -15.98
N PRO C 138 5.07 19.33 -16.50
CA PRO C 138 5.27 19.18 -17.94
C PRO C 138 5.27 17.75 -18.40
N ILE C 139 4.90 17.57 -19.66
CA ILE C 139 4.84 16.26 -20.28
C ILE C 139 6.18 16.01 -20.95
N THR C 140 6.89 14.99 -20.47
CA THR C 140 8.23 14.62 -20.86
C THR C 140 8.23 13.59 -21.99
N LYS C 141 7.45 12.52 -21.84
CA LYS C 141 7.39 11.45 -22.83
C LYS C 141 6.46 11.90 -23.96
N LEU C 142 7.04 12.45 -25.01
CA LEU C 142 6.18 13.03 -26.06
C LEU C 142 5.05 12.09 -26.45
N ASP C 143 5.26 10.80 -26.39
CA ASP C 143 4.25 9.86 -26.84
C ASP C 143 2.99 9.94 -26.01
N ASN C 144 3.08 10.41 -24.78
CA ASN C 144 1.91 10.46 -23.92
C ASN C 144 1.02 11.67 -24.18
N LYS C 145 1.51 12.70 -24.87
CA LYS C 145 0.83 14.00 -24.80
C LYS C 145 -0.58 13.94 -25.36
N ARG C 146 -0.85 13.08 -26.34
CA ARG C 146 -2.22 12.90 -26.78
C ARG C 146 -3.11 12.41 -25.65
N HIS C 147 -2.65 11.36 -24.95
CA HIS C 147 -3.46 10.68 -23.93
C HIS C 147 -3.66 11.56 -22.69
N PHE C 148 -2.70 12.46 -22.39
CA PHE C 148 -2.61 13.07 -21.07
C PHE C 148 -2.66 14.59 -21.00
N SER C 149 -2.52 15.30 -22.11
CA SER C 149 -2.41 16.76 -22.02
C SER C 149 -3.70 17.38 -21.49
N VAL C 150 -3.55 18.35 -20.60
CA VAL C 150 -4.68 19.13 -20.11
C VAL C 150 -4.47 20.62 -20.32
N GLY C 151 -3.44 21.03 -21.05
CA GLY C 151 -3.21 22.46 -21.26
C GLY C 151 -1.77 22.76 -21.62
N THR C 152 -1.36 24.00 -21.33
CA THR C 152 0.02 24.46 -21.39
C THR C 152 0.27 25.45 -20.28
N LYS C 153 1.47 25.42 -19.72
CA LYS C 153 1.83 26.35 -18.65
C LYS C 153 3.21 26.91 -18.93
N PHE C 154 3.48 28.11 -18.42
CA PHE C 154 4.84 28.63 -18.44
C PHE C 154 5.63 28.05 -17.29
N PHE C 155 6.88 27.68 -17.60
CA PHE C 155 7.92 27.14 -16.71
C PHE C 155 9.22 27.87 -17.03
N ILE C 156 10.15 27.88 -16.07
CA ILE C 156 11.43 28.57 -16.30
C ILE C 156 12.45 27.58 -16.88
N SER C 157 12.87 27.83 -18.11
CA SER C 157 13.96 27.13 -18.79
C SER C 157 15.25 27.90 -18.56
N GLU C 158 16.32 27.40 -19.16
CA GLU C 158 17.66 27.94 -19.05
C GLU C 158 18.14 28.33 -20.44
N SER C 159 18.72 29.51 -20.57
CA SER C 159 19.10 30.00 -21.89
C SER C 159 20.21 29.11 -22.45
N LEU C 160 20.07 28.76 -23.74
CA LEU C 160 21.10 27.97 -24.42
C LEU C 160 22.35 28.77 -24.69
N THR C 161 22.25 30.09 -24.69
CA THR C 161 23.37 30.98 -24.95
C THR C 161 23.97 31.55 -23.68
N GLN C 162 23.51 31.10 -22.51
CA GLN C 162 24.04 31.49 -21.20
C GLN C 162 23.95 33.00 -20.99
N ASP C 163 22.92 33.61 -21.57
CA ASP C 163 22.61 35.00 -21.31
C ASP C 163 21.28 35.08 -20.58
N ASN C 164 21.17 34.41 -19.43
CA ASN C 164 19.89 34.38 -18.73
C ASN C 164 19.52 35.75 -18.20
N TYR C 165 18.22 36.00 -18.09
CA TYR C 165 17.69 37.25 -17.59
C TYR C 165 16.83 36.97 -16.36
N PRO C 166 16.65 37.96 -15.49
CA PRO C 166 15.97 37.70 -14.21
C PRO C 166 14.45 37.68 -14.38
N ILE C 167 13.83 36.65 -13.81
CA ILE C 167 12.39 36.40 -13.85
C ILE C 167 11.92 36.17 -12.43
N THR C 168 10.67 36.49 -12.16
CA THR C 168 10.05 36.14 -10.87
C THR C 168 8.90 35.17 -11.13
N TYR C 169 9.19 33.88 -11.00
CA TYR C 169 8.18 32.86 -11.23
C TYR C 169 7.34 32.72 -9.98
N ASN C 170 6.02 32.92 -10.12
CA ASN C 170 5.09 32.81 -9.00
C ASN C 170 5.66 33.44 -7.72
N SER C 171 6.24 34.64 -7.85
CA SER C 171 6.87 35.39 -6.74
C SER C 171 8.03 34.62 -6.09
N TYR C 172 8.92 34.11 -6.93
CA TYR C 172 10.21 33.59 -6.50
C TYR C 172 11.21 34.04 -7.54
N PRO C 173 12.24 34.77 -7.15
CA PRO C 173 13.17 35.33 -8.13
C PRO C 173 14.21 34.32 -8.60
N THR C 174 14.54 34.42 -9.88
CA THR C 174 15.57 33.61 -10.50
C THR C 174 16.01 34.30 -11.78
N ASN C 175 17.08 33.78 -12.39
CA ASN C 175 17.38 34.11 -13.78
C ASN C 175 17.19 32.90 -14.70
N GLY C 176 16.89 33.18 -15.96
CA GLY C 176 16.54 32.09 -16.86
C GLY C 176 15.74 32.59 -18.05
N THR C 177 15.01 31.67 -18.68
CA THR C 177 14.18 31.95 -19.86
C THR C 177 12.87 31.22 -19.71
N VAL C 178 11.74 31.88 -20.04
CA VAL C 178 10.41 31.28 -19.96
C VAL C 178 10.16 30.39 -21.18
N SER C 179 9.47 29.28 -20.95
CA SER C 179 9.20 28.29 -22.00
C SER C 179 7.80 27.75 -21.79
N LEU C 180 6.98 27.70 -22.84
CA LEU C 180 5.62 27.18 -22.71
C LEU C 180 5.63 25.68 -22.97
N GLN C 181 4.99 24.88 -22.11
CA GLN C 181 5.00 23.43 -22.24
C GLN C 181 3.61 22.86 -21.99
N THR C 182 3.26 21.82 -22.76
CA THR C 182 2.02 21.09 -22.55
C THR C 182 2.14 20.30 -21.25
N VAL C 183 1.08 20.23 -20.46
CA VAL C 183 1.19 19.78 -19.08
C VAL C 183 0.19 18.65 -18.85
N LYS C 184 0.55 17.78 -17.91
CA LYS C 184 -0.33 16.70 -17.48
C LYS C 184 -0.63 16.88 -15.99
N LEU C 185 -1.71 16.24 -15.55
CA LEU C 185 -2.13 16.38 -14.16
C LEU C 185 -1.21 15.58 -13.25
N SER C 186 -1.01 16.10 -12.04
CA SER C 186 -0.10 15.50 -11.07
C SER C 186 -0.72 15.56 -9.67
N GLY C 187 -0.11 14.83 -8.73
CA GLY C 187 -0.54 14.80 -7.34
C GLY C 187 -1.06 13.42 -6.94
N ASP C 188 -1.58 13.35 -5.73
CA ASP C 188 -2.17 12.12 -5.20
C ASP C 188 -3.69 12.24 -5.22
N CYS C 189 -4.37 11.42 -6.02
CA CYS C 189 -5.77 11.11 -5.80
C CYS C 189 -5.98 9.62 -6.02
N LYS C 190 -6.95 9.07 -5.30
CA LYS C 190 -7.21 7.64 -5.27
C LYS C 190 -8.60 7.40 -5.87
N ILE C 191 -8.64 6.80 -7.05
CA ILE C 191 -9.88 6.56 -7.76
C ILE C 191 -10.46 5.25 -7.22
N THR C 192 -11.54 5.33 -6.45
CA THR C 192 -12.07 4.14 -5.78
C THR C 192 -13.58 4.07 -5.92
N LYS C 193 -14.15 3.02 -5.35
CA LYS C 193 -15.60 2.88 -5.19
C LYS C 193 -15.81 2.19 -3.86
N SER C 194 -16.60 2.79 -2.99
CA SER C 194 -16.63 2.27 -1.63
C SER C 194 -17.72 1.24 -1.41
N ASN C 195 -18.90 1.41 -2.01
CA ASN C 195 -20.01 0.50 -1.82
C ASN C 195 -20.59 0.14 -3.18
N PHE C 196 -21.47 -0.87 -3.22
CA PHE C 196 -22.07 -1.23 -4.51
C PHE C 196 -23.09 -0.20 -4.94
N ALA C 197 -23.55 0.64 -4.02
CA ALA C 197 -24.58 1.61 -4.33
C ALA C 197 -24.10 2.57 -5.42
N ASN C 198 -25.06 3.26 -5.99
CA ASN C 198 -24.83 4.33 -6.96
C ASN C 198 -23.92 3.81 -8.08
N PRO C 199 -24.40 2.88 -8.89
CA PRO C 199 -23.47 2.01 -9.64
C PRO C 199 -22.56 2.70 -10.65
N TYR C 200 -22.79 4.00 -10.94
CA TYR C 200 -21.97 4.69 -11.93
C TYR C 200 -21.25 5.90 -11.34
N THR C 201 -21.15 5.98 -10.03
CA THR C 201 -20.52 7.13 -9.38
C THR C 201 -19.23 6.64 -8.71
N VAL C 202 -18.12 6.80 -9.42
CA VAL C 202 -16.80 6.58 -8.84
C VAL C 202 -16.48 7.76 -7.95
N SER C 203 -15.87 7.48 -6.80
CA SER C 203 -15.61 8.54 -5.84
C SER C 203 -14.10 8.75 -5.78
N ILE C 204 -13.67 9.98 -5.92
CA ILE C 204 -12.26 10.34 -5.95
C ILE C 204 -11.94 11.05 -4.65
N THR C 205 -10.79 10.70 -4.05
CA THR C 205 -10.29 11.30 -2.83
C THR C 205 -8.81 11.62 -3.00
N SER C 206 -8.37 12.69 -2.34
CA SER C 206 -6.97 13.07 -2.38
C SER C 206 -6.62 13.74 -1.06
N PRO C 207 -5.38 13.63 -0.60
CA PRO C 207 -5.01 14.28 0.66
C PRO C 207 -4.75 15.77 0.49
N GLU C 208 -4.43 16.21 -0.71
CA GLU C 208 -3.92 17.56 -0.87
C GLU C 208 -5.06 18.58 -0.85
N LYS C 209 -4.66 19.86 -0.79
CA LYS C 209 -5.63 20.92 -0.61
C LYS C 209 -6.43 21.15 -1.88
N ILE C 210 -5.79 21.05 -3.04
CA ILE C 210 -6.48 21.18 -4.33
C ILE C 210 -5.97 20.10 -5.28
N MET C 211 -6.89 19.41 -5.93
CA MET C 211 -6.57 18.38 -6.93
C MET C 211 -7.54 18.54 -8.10
N GLY C 212 -7.10 18.16 -9.29
CA GLY C 212 -7.91 18.33 -10.48
C GLY C 212 -8.14 17.02 -11.21
N TYR C 213 -9.34 16.87 -11.75
CA TYR C 213 -9.61 15.82 -12.73
C TYR C 213 -10.23 16.41 -13.98
N LEU C 214 -10.20 15.58 -15.04
CA LEU C 214 -11.07 15.70 -16.21
C LEU C 214 -11.04 14.37 -16.94
N ILE C 215 -12.16 14.07 -17.62
CA ILE C 215 -12.32 12.87 -18.44
C ILE C 215 -12.03 13.24 -19.89
N LYS C 216 -11.13 12.51 -20.53
CA LYS C 216 -10.56 12.90 -21.81
C LYS C 216 -10.38 11.67 -22.68
N LYS C 217 -11.09 11.65 -23.79
CA LYS C 217 -10.76 10.68 -24.84
C LYS C 217 -9.40 11.08 -25.41
N PRO C 218 -8.45 10.16 -25.50
CA PRO C 218 -7.11 10.55 -25.96
C PRO C 218 -7.20 11.26 -27.30
N GLY C 219 -6.62 12.46 -27.37
CA GLY C 219 -6.53 13.22 -28.59
C GLY C 219 -7.32 14.51 -28.61
N GLU C 220 -8.30 14.66 -27.72
CA GLU C 220 -9.16 15.84 -27.75
C GLU C 220 -8.35 17.10 -27.45
N ASN C 221 -8.97 18.24 -27.73
CA ASN C 221 -8.43 19.53 -27.34
C ASN C 221 -9.35 20.13 -26.29
N VAL C 222 -9.39 19.46 -25.13
CA VAL C 222 -10.23 19.91 -24.03
C VAL C 222 -9.39 20.73 -23.05
N GLU C 223 -9.06 21.96 -23.46
CA GLU C 223 -8.06 22.73 -22.75
C GLU C 223 -8.55 23.17 -21.37
N HIS C 224 -9.63 23.95 -21.33
CA HIS C 224 -10.13 24.51 -20.07
C HIS C 224 -11.17 23.64 -19.40
N LYS C 225 -11.18 22.33 -19.68
CA LYS C 225 -12.18 21.43 -19.11
C LYS C 225 -11.73 20.76 -17.81
N VAL C 226 -10.87 21.37 -17.00
CA VAL C 226 -10.32 20.76 -15.79
C VAL C 226 -11.15 21.14 -14.57
N ILE C 227 -11.54 20.16 -13.77
CA ILE C 227 -12.40 20.39 -12.61
C ILE C 227 -11.59 20.16 -11.34
N SER C 228 -11.61 21.11 -10.42
CA SER C 228 -10.86 20.96 -9.17
C SER C 228 -11.75 20.60 -8.00
N PHE C 229 -11.26 19.69 -7.17
CA PHE C 229 -11.87 19.30 -5.90
C PHE C 229 -10.82 19.30 -4.79
N SER C 230 -11.30 19.53 -3.56
CA SER C 230 -10.42 19.65 -2.39
C SER C 230 -10.25 18.29 -1.73
N GLY C 231 -11.28 17.85 -1.01
CA GLY C 231 -11.15 16.60 -0.29
C GLY C 231 -11.53 15.38 -1.11
N SER C 232 -12.82 15.28 -1.43
CA SER C 232 -13.33 14.09 -2.09
C SER C 232 -14.41 14.52 -3.07
N ALA C 233 -14.47 13.85 -4.21
CA ALA C 233 -15.42 14.16 -5.27
C ALA C 233 -16.12 12.88 -5.69
N SER C 234 -17.26 13.03 -6.38
CA SER C 234 -18.09 11.89 -6.75
C SER C 234 -18.54 12.01 -8.21
N ILE C 235 -17.69 11.55 -9.11
CA ILE C 235 -18.01 11.66 -10.53
C ILE C 235 -19.07 10.65 -10.92
N THR C 236 -20.13 11.13 -11.60
CA THR C 236 -21.18 10.28 -12.16
C THR C 236 -21.09 10.32 -13.68
N PHE C 237 -20.94 9.16 -14.31
CA PHE C 237 -20.64 9.09 -15.73
C PHE C 237 -21.89 9.32 -16.57
N THR C 238 -21.70 10.01 -17.71
CA THR C 238 -22.69 10.04 -18.78
C THR C 238 -22.46 8.85 -19.71
N GLU C 239 -23.55 8.29 -20.23
CA GLU C 239 -23.45 7.25 -21.25
C GLU C 239 -22.52 7.66 -22.37
N GLU C 240 -22.51 8.94 -22.70
CA GLU C 240 -21.54 9.44 -23.66
C GLU C 240 -20.12 9.04 -23.24
N MET C 241 -19.83 9.10 -21.94
CA MET C 241 -18.48 8.86 -21.42
C MET C 241 -18.19 7.39 -21.13
N LEU C 242 -19.22 6.53 -21.10
CA LEU C 242 -19.01 5.11 -20.87
C LEU C 242 -18.51 4.38 -22.11
N ASP C 243 -18.43 5.05 -23.27
CA ASP C 243 -17.77 4.43 -24.41
C ASP C 243 -16.30 4.15 -24.09
N GLY C 244 -15.73 3.16 -24.77
CA GLY C 244 -14.44 2.61 -24.37
C GLY C 244 -13.27 3.58 -24.41
N GLU C 245 -13.33 4.58 -25.31
CA GLU C 245 -12.15 5.40 -25.58
C GLU C 245 -11.83 6.40 -24.47
N HIS C 246 -12.83 6.88 -23.73
CA HIS C 246 -12.58 7.90 -22.73
C HIS C 246 -11.88 7.34 -21.50
N ASN C 247 -10.96 8.14 -20.94
CA ASN C 247 -10.25 7.82 -19.71
C ASN C 247 -10.46 8.90 -18.67
N LEU C 248 -10.49 8.48 -17.39
CA LEU C 248 -10.64 9.41 -16.24
C LEU C 248 -9.26 9.78 -15.70
N LEU C 249 -8.68 10.85 -16.24
CA LEU C 249 -7.47 11.43 -15.68
C LEU C 249 -7.77 12.13 -14.36
N CYS C 250 -7.08 11.74 -13.30
CA CYS C 250 -7.05 12.47 -12.03
C CYS C 250 -5.65 12.36 -11.42
N GLY C 251 -5.11 13.50 -10.94
CA GLY C 251 -3.74 13.57 -10.41
C GLY C 251 -2.74 12.71 -11.19
N ASP C 252 -1.96 11.90 -10.45
CA ASP C 252 -1.03 10.95 -11.05
C ASP C 252 -1.75 9.96 -11.96
N LYS C 253 -2.94 9.56 -11.55
CA LYS C 253 -3.61 8.37 -12.04
C LYS C 253 -4.25 8.60 -13.41
N SER C 254 -4.51 7.49 -14.09
CA SER C 254 -5.29 7.44 -15.32
C SER C 254 -5.99 6.09 -15.35
N ALA C 255 -7.26 6.08 -15.74
CA ALA C 255 -8.05 4.86 -15.65
C ALA C 255 -9.02 4.78 -16.81
N LYS C 256 -9.02 3.64 -17.53
CA LYS C 256 -9.98 3.48 -18.63
C LYS C 256 -11.41 3.32 -18.09
N ILE C 257 -12.36 3.50 -18.99
CA ILE C 257 -13.78 3.45 -18.65
C ILE C 257 -14.48 2.52 -19.63
N PRO C 258 -15.08 1.41 -19.17
CA PRO C 258 -15.63 0.41 -20.07
C PRO C 258 -17.10 0.67 -20.44
N LYS C 259 -17.60 -0.15 -21.38
CA LYS C 259 -18.87 0.11 -22.05
C LYS C 259 -20.00 -0.73 -21.48
N THR C 260 -21.22 -0.18 -21.53
CA THR C 260 -22.40 -0.80 -20.93
C THR C 260 -23.62 -0.56 -21.80
N ASN C 261 -24.67 -1.39 -21.63
CA ASN C 261 -25.89 -1.22 -22.44
C ASN C 261 -27.24 -1.13 -21.70
N LYS C 262 -27.39 -1.84 -20.58
CA LYS C 262 -28.63 -1.85 -19.81
C LYS C 262 -28.86 -0.51 -19.09
N ARG C 263 -30.13 -0.09 -19.03
CA ARG C 263 -30.57 1.18 -18.43
C ARG C 263 -31.42 0.90 -17.20
N VAL C 264 -30.73 0.86 -16.06
CA VAL C 264 -31.30 0.62 -14.74
C VAL C 264 -31.84 1.95 -14.19
N ARG C 265 -31.69 3.02 -14.96
CA ARG C 265 -31.99 4.38 -14.53
C ARG C 265 -33.49 4.69 -14.49
N ASP C 266 -34.35 3.76 -14.92
CA ASP C 266 -35.81 3.95 -14.84
C ASP C 266 -36.29 4.12 -13.40
N CYS C 267 -35.64 3.44 -12.45
CA CYS C 267 -36.04 3.43 -11.06
C CYS C 267 -35.63 4.68 -10.32
N ILE C 268 -36.13 4.81 -9.09
CA ILE C 268 -35.75 5.89 -8.21
C ILE C 268 -35.21 5.31 -6.90
N LEU D 75 -29.40 -16.34 31.07
CA LEU D 75 -29.26 -14.97 31.57
C LEU D 75 -27.88 -14.73 32.22
N PRO D 76 -27.11 -13.81 31.62
CA PRO D 76 -25.80 -13.48 32.19
C PRO D 76 -25.90 -12.78 33.51
N ASN D 77 -27.03 -12.14 33.81
CA ASN D 77 -27.23 -11.46 35.08
C ASN D 77 -26.68 -12.27 36.24
N ASN D 78 -26.94 -13.59 36.24
CA ASN D 78 -26.43 -14.44 37.31
C ASN D 78 -24.91 -14.50 37.34
N CYS D 79 -24.27 -14.50 36.18
CA CYS D 79 -22.82 -14.56 36.18
C CYS D 79 -22.18 -13.26 36.60
N LEU D 80 -22.56 -12.16 35.95
CA LEU D 80 -21.93 -10.88 36.18
C LEU D 80 -21.96 -10.47 37.65
N ASN D 81 -22.81 -11.10 38.44
CA ASN D 81 -22.90 -10.86 39.89
C ASN D 81 -22.15 -11.93 40.65
N ALA D 82 -20.85 -12.03 40.34
CA ALA D 82 -20.02 -13.09 40.90
C ALA D 82 -19.93 -12.99 42.42
N SER D 83 -19.64 -11.79 42.92
CA SER D 83 -19.44 -11.47 44.34
C SER D 83 -20.37 -12.23 45.29
N SER D 84 -21.66 -12.29 44.93
CA SER D 84 -22.67 -12.85 45.83
C SER D 84 -22.59 -14.37 45.93
N LEU D 85 -22.50 -15.07 44.81
CA LEU D 85 -22.77 -16.50 44.82
C LEU D 85 -21.50 -17.33 45.05
N LYS D 86 -21.70 -18.65 45.17
CA LYS D 86 -20.62 -19.62 45.38
C LYS D 86 -19.93 -19.93 44.04
N CYS D 87 -19.00 -19.05 43.66
CA CYS D 87 -18.29 -19.17 42.40
C CYS D 87 -17.02 -20.00 42.56
N GLU D 88 -16.81 -20.89 41.59
CA GLU D 88 -15.68 -21.79 41.50
C GLU D 88 -14.89 -21.45 40.25
N ILE D 89 -13.70 -20.89 40.43
CA ILE D 89 -12.78 -20.68 39.32
C ILE D 89 -12.43 -22.07 38.81
N LYS D 90 -12.85 -22.38 37.57
CA LYS D 90 -12.58 -23.68 37.00
C LYS D 90 -11.41 -23.68 36.05
N GLY D 91 -10.90 -22.52 35.66
CA GLY D 91 -9.66 -22.46 34.91
C GLY D 91 -9.15 -21.07 34.56
N ILE D 92 -7.83 -20.87 34.57
CA ILE D 92 -7.27 -19.59 34.21
C ILE D 92 -6.48 -19.74 32.93
N SER D 93 -6.63 -18.78 32.01
CA SER D 93 -5.85 -18.73 30.79
C SER D 93 -5.16 -17.37 30.69
N THR D 94 -4.23 -17.26 29.74
CA THR D 94 -3.49 -16.02 29.56
C THR D 94 -4.41 -14.81 29.38
N TYR D 95 -5.54 -14.96 28.67
CA TYR D 95 -6.28 -13.77 28.31
C TYR D 95 -7.74 -13.69 28.76
N ASN D 96 -8.29 -14.73 29.40
CA ASN D 96 -9.63 -14.68 30.00
C ASN D 96 -9.72 -15.79 31.04
N VAL D 97 -10.83 -15.83 31.82
CA VAL D 97 -11.03 -16.86 32.84
C VAL D 97 -12.38 -17.56 32.66
N TYR D 98 -12.39 -18.86 32.99
CA TYR D 98 -13.55 -19.75 33.02
C TYR D 98 -13.98 -19.97 34.46
N TYR D 99 -15.24 -19.65 34.77
CA TYR D 99 -15.75 -19.79 36.11
C TYR D 99 -17.21 -20.19 36.04
N GLN D 100 -17.67 -20.92 37.05
CA GLN D 100 -19.09 -21.24 37.14
C GLN D 100 -19.61 -20.83 38.51
N VAL D 101 -20.78 -20.17 38.54
CA VAL D 101 -21.38 -19.65 39.76
C VAL D 101 -22.58 -20.49 40.13
N GLU D 102 -23.20 -20.19 41.27
CA GLU D 102 -24.29 -21.01 41.78
C GLU D 102 -25.39 -20.15 42.38
N ASN D 103 -26.53 -20.08 41.68
CA ASN D 103 -27.72 -19.40 42.16
C ASN D 103 -28.86 -20.42 42.19
N ASN D 104 -29.46 -20.60 43.37
CA ASN D 104 -30.59 -21.49 43.65
C ASN D 104 -30.55 -22.80 42.83
N GLY D 105 -29.47 -23.55 43.02
CA GLY D 105 -29.42 -24.94 42.58
C GLY D 105 -29.05 -25.18 41.14
N VAL D 106 -28.91 -24.13 40.33
CA VAL D 106 -28.56 -24.26 38.92
C VAL D 106 -27.20 -23.59 38.69
N ILE D 107 -26.28 -24.36 38.10
CA ILE D 107 -24.90 -23.93 37.89
C ILE D 107 -24.80 -23.23 36.56
N TYR D 108 -24.18 -22.06 36.54
CA TYR D 108 -24.04 -21.27 35.31
C TYR D 108 -22.57 -21.13 34.98
N SER D 109 -22.13 -21.81 33.92
CA SER D 109 -20.76 -21.71 33.47
C SER D 109 -20.56 -20.44 32.67
N CYS D 110 -19.42 -19.77 32.91
CA CYS D 110 -19.15 -18.46 32.35
C CYS D 110 -17.66 -18.26 32.02
N VAL D 111 -17.41 -17.40 31.04
CA VAL D 111 -16.06 -17.04 30.62
C VAL D 111 -15.98 -15.52 30.51
N SER D 112 -14.95 -14.92 31.09
CA SER D 112 -14.91 -13.46 31.18
C SER D 112 -13.50 -12.92 30.92
N ASP D 113 -13.44 -11.76 30.28
CA ASP D 113 -12.18 -11.18 29.86
C ASP D 113 -11.63 -10.22 30.87
N SER D 114 -12.19 -10.20 32.07
CA SER D 114 -11.63 -9.38 33.13
C SER D 114 -12.03 -9.98 34.46
N ALA D 115 -11.19 -9.76 35.47
CA ALA D 115 -11.41 -10.43 36.73
C ALA D 115 -12.01 -9.54 37.82
N GLU D 116 -12.68 -8.43 37.46
CA GLU D 116 -13.38 -7.65 38.50
C GLU D 116 -14.33 -8.56 39.26
N GLY D 117 -14.39 -8.41 40.57
CA GLY D 117 -15.14 -9.44 41.25
C GLY D 117 -14.25 -10.66 41.37
N LEU D 118 -14.85 -11.77 41.80
CA LEU D 118 -14.19 -13.08 41.80
C LEU D 118 -13.05 -13.20 42.80
N GLU D 119 -12.71 -12.11 43.51
CA GLU D 119 -11.57 -12.18 44.43
C GLU D 119 -11.77 -13.24 45.50
N LYS D 120 -12.99 -13.40 45.96
CA LYS D 120 -13.29 -14.44 46.94
C LYS D 120 -13.61 -15.76 46.26
N CYS D 121 -13.67 -15.79 44.92
CA CYS D 121 -14.05 -17.02 44.24
C CYS D 121 -13.14 -18.15 44.71
N ASP D 122 -13.64 -19.39 44.56
CA ASP D 122 -13.05 -20.51 45.29
C ASP D 122 -11.54 -20.62 45.04
N ASN D 123 -11.08 -20.51 43.79
CA ASN D 123 -9.64 -20.60 43.54
C ASN D 123 -9.20 -19.34 42.80
N SER D 124 -9.32 -18.18 43.42
CA SER D 124 -8.80 -16.98 42.80
C SER D 124 -7.29 -16.81 42.97
N LEU D 125 -6.56 -17.84 43.41
CA LEU D 125 -5.21 -17.57 43.91
C LEU D 125 -4.32 -17.02 42.81
N ASN D 126 -4.52 -17.51 41.60
CA ASN D 126 -3.63 -17.26 40.48
C ASN D 126 -4.18 -16.22 39.51
N LEU D 127 -5.32 -15.63 39.82
CA LEU D 127 -5.94 -14.68 38.91
C LEU D 127 -5.06 -13.45 38.72
N PRO D 128 -4.73 -13.08 37.50
CA PRO D 128 -4.20 -11.74 37.23
C PRO D 128 -5.12 -10.68 37.82
N LYS D 129 -4.53 -9.54 38.16
CA LYS D 129 -5.39 -8.41 38.46
C LYS D 129 -6.11 -7.94 37.21
N ARG D 130 -5.38 -7.85 36.09
CA ARG D 130 -5.97 -7.54 34.79
C ARG D 130 -5.64 -8.68 33.84
N PHE D 131 -6.66 -9.20 33.14
CA PHE D 131 -6.41 -9.98 31.93
C PHE D 131 -6.22 -8.98 30.80
N SER D 132 -5.20 -9.18 29.96
CA SER D 132 -4.97 -8.26 28.87
C SER D 132 -6.11 -8.32 27.86
N LYS D 133 -6.45 -7.16 27.32
CA LYS D 133 -7.52 -7.06 26.34
C LYS D 133 -7.01 -6.84 24.91
N VAL D 134 -5.74 -7.15 24.65
CA VAL D 134 -5.18 -7.09 23.29
C VAL D 134 -5.92 -8.07 22.39
N PRO D 135 -6.11 -7.77 21.12
CA PRO D 135 -6.85 -8.67 20.21
C PRO D 135 -6.02 -9.87 19.78
N VAL D 136 -6.53 -11.08 20.10
CA VAL D 136 -5.88 -12.34 19.71
C VAL D 136 -6.91 -13.29 19.10
N ILE D 137 -6.47 -14.06 18.10
CA ILE D 137 -7.28 -15.14 17.56
C ILE D 137 -6.57 -16.47 17.75
N PRO D 138 -7.21 -17.61 17.43
CA PRO D 138 -6.57 -18.91 17.65
C PRO D 138 -5.72 -19.35 16.50
N ILE D 139 -4.65 -20.08 16.83
CA ILE D 139 -3.71 -20.58 15.84
C ILE D 139 -4.24 -21.86 15.19
N THR D 140 -4.39 -21.82 13.87
CA THR D 140 -4.95 -22.92 13.09
C THR D 140 -3.89 -23.77 12.38
N LYS D 141 -2.97 -23.14 11.65
CA LYS D 141 -1.82 -23.84 11.08
C LYS D 141 -0.82 -24.11 12.19
N LEU D 142 -0.62 -25.38 12.55
CA LEU D 142 0.16 -25.65 13.75
C LEU D 142 1.65 -25.44 13.56
N ASP D 143 2.14 -25.25 12.33
CA ASP D 143 3.54 -24.86 12.15
C ASP D 143 3.83 -23.50 12.79
N ASN D 144 2.89 -22.55 12.64
CA ASN D 144 3.13 -21.21 13.19
C ASN D 144 3.39 -21.20 14.67
N LYS D 145 2.74 -22.11 15.39
CA LYS D 145 2.69 -22.07 16.85
C LYS D 145 4.08 -21.70 17.39
N ARG D 146 5.13 -22.38 16.92
CA ARG D 146 6.45 -22.12 17.51
C ARG D 146 6.84 -20.63 17.43
N HIS D 147 6.65 -20.06 16.25
CA HIS D 147 6.98 -18.67 15.92
C HIS D 147 6.10 -17.59 16.49
N PHE D 148 4.81 -17.90 16.67
CA PHE D 148 3.78 -16.93 16.92
C PHE D 148 3.07 -17.08 18.27
N SER D 149 3.59 -17.85 19.24
CA SER D 149 2.69 -18.45 20.24
C SER D 149 1.90 -17.43 21.03
N VAL D 150 2.51 -16.53 21.77
CA VAL D 150 1.76 -15.44 22.46
C VAL D 150 0.64 -15.94 23.38
N GLY D 151 0.86 -16.97 24.17
CA GLY D 151 -0.18 -17.41 25.10
C GLY D 151 -1.39 -18.18 24.54
N THR D 152 -2.31 -18.45 25.47
CA THR D 152 -3.54 -19.21 25.29
C THR D 152 -4.76 -18.50 25.87
N LYS D 153 -5.91 -18.65 25.19
CA LYS D 153 -7.17 -18.02 25.56
C LYS D 153 -8.33 -19.01 25.42
N PHE D 154 -9.30 -18.93 26.33
CA PHE D 154 -10.54 -19.68 26.17
C PHE D 154 -11.36 -19.12 25.01
N PHE D 155 -12.02 -20.04 24.32
CA PHE D 155 -12.98 -19.72 23.30
C PHE D 155 -14.10 -20.69 23.46
N ILE D 156 -15.17 -20.42 22.74
CA ILE D 156 -16.36 -21.23 22.89
C ILE D 156 -16.56 -22.03 21.60
N SER D 157 -16.86 -23.32 21.76
CA SER D 157 -16.95 -24.27 20.65
C SER D 157 -18.24 -25.03 20.80
N GLU D 158 -18.55 -25.87 19.81
CA GLU D 158 -19.73 -26.72 19.82
C GLU D 158 -19.30 -28.13 20.17
N SER D 159 -20.06 -28.82 21.03
CA SER D 159 -19.52 -30.08 21.52
C SER D 159 -19.57 -31.16 20.46
N LEU D 160 -18.63 -32.10 20.57
CA LEU D 160 -18.55 -33.22 19.63
C LEU D 160 -19.76 -34.14 19.78
N THR D 161 -20.05 -34.57 21.00
CA THR D 161 -21.36 -35.13 21.32
C THR D 161 -22.43 -34.05 21.14
N GLN D 162 -23.65 -34.49 20.84
CA GLN D 162 -24.73 -33.54 20.57
C GLN D 162 -25.00 -32.58 21.73
N ASP D 163 -24.44 -32.83 22.91
CA ASP D 163 -24.77 -32.10 24.13
C ASP D 163 -23.97 -30.81 24.22
N ASN D 164 -24.54 -29.70 23.74
CA ASN D 164 -23.97 -28.38 23.98
C ASN D 164 -24.80 -27.69 25.06
N TYR D 165 -24.13 -27.03 25.99
CA TYR D 165 -24.80 -26.45 27.14
C TYR D 165 -24.64 -24.93 27.15
N PRO D 166 -25.47 -24.21 27.93
CA PRO D 166 -25.42 -22.75 27.88
C PRO D 166 -24.35 -22.16 28.78
N ILE D 167 -23.48 -21.34 28.19
CA ILE D 167 -22.52 -20.52 28.92
C ILE D 167 -22.66 -19.09 28.42
N THR D 168 -22.12 -18.13 29.20
CA THR D 168 -22.11 -16.73 28.76
C THR D 168 -20.66 -16.29 28.58
N TYR D 169 -20.31 -15.88 27.36
CA TYR D 169 -18.94 -15.60 26.97
C TYR D 169 -18.80 -14.09 26.87
N ASN D 170 -18.03 -13.54 27.80
CA ASN D 170 -17.93 -12.10 27.97
C ASN D 170 -19.32 -11.48 27.99
N SER D 171 -20.19 -12.09 28.79
CA SER D 171 -21.55 -11.60 29.05
C SER D 171 -22.38 -11.53 27.75
N TYR D 172 -22.34 -12.62 26.99
CA TYR D 172 -23.25 -12.87 25.89
C TYR D 172 -23.74 -14.30 26.06
N PRO D 173 -25.03 -14.52 26.27
CA PRO D 173 -25.52 -15.89 26.43
C PRO D 173 -25.49 -16.64 25.09
N THR D 174 -25.01 -17.88 25.11
CA THR D 174 -24.92 -18.69 23.90
C THR D 174 -24.73 -20.15 24.30
N ASN D 175 -24.66 -21.00 23.30
CA ASN D 175 -24.65 -22.42 23.52
C ASN D 175 -23.39 -23.04 22.97
N GLY D 176 -22.86 -23.99 23.71
CA GLY D 176 -21.67 -24.67 23.31
C GLY D 176 -20.92 -25.26 24.48
N THR D 177 -19.62 -25.35 24.30
CA THR D 177 -18.73 -25.96 25.26
C THR D 177 -17.46 -25.12 25.29
N VAL D 178 -16.84 -25.01 26.45
CA VAL D 178 -15.63 -24.22 26.56
C VAL D 178 -14.46 -25.03 26.05
N SER D 179 -13.68 -24.40 25.12
CA SER D 179 -12.46 -24.94 24.51
C SER D 179 -11.31 -23.98 24.72
N LEU D 180 -10.12 -24.50 25.07
CA LEU D 180 -8.90 -23.69 25.27
C LEU D 180 -7.99 -23.86 24.08
N GLN D 181 -7.52 -22.75 23.53
CA GLN D 181 -6.67 -22.82 22.35
C GLN D 181 -5.48 -21.90 22.52
N THR D 182 -4.42 -22.21 21.79
CA THR D 182 -3.25 -21.34 21.73
C THR D 182 -3.54 -20.21 20.76
N VAL D 183 -3.23 -18.97 21.16
CA VAL D 183 -3.68 -17.84 20.35
C VAL D 183 -2.50 -17.00 19.87
N LYS D 184 -2.60 -16.50 18.64
CA LYS D 184 -1.61 -15.57 18.12
C LYS D 184 -2.16 -14.15 18.19
N LEU D 185 -1.33 -13.15 17.90
CA LEU D 185 -1.80 -11.78 17.88
C LEU D 185 -2.54 -11.52 16.58
N SER D 186 -3.56 -10.67 16.65
CA SER D 186 -4.30 -10.29 15.46
C SER D 186 -4.74 -8.85 15.57
N GLY D 187 -4.92 -8.23 14.43
CA GLY D 187 -5.23 -6.83 14.36
C GLY D 187 -4.51 -6.23 13.19
N ASP D 188 -4.48 -4.91 13.19
CA ASP D 188 -3.74 -4.16 12.20
C ASP D 188 -2.73 -3.28 12.91
N CYS D 189 -1.47 -3.50 12.58
CA CYS D 189 -0.39 -2.57 12.88
C CYS D 189 0.63 -2.81 11.78
N LYS D 190 1.36 -1.74 11.48
CA LYS D 190 2.43 -1.80 10.46
C LYS D 190 3.68 -1.38 11.19
N ILE D 191 4.86 -1.59 10.60
CA ILE D 191 6.09 -1.37 11.40
C ILE D 191 7.16 -0.52 10.74
N THR D 192 7.42 -0.66 9.45
CA THR D 192 8.58 0.08 8.90
C THR D 192 8.32 1.51 9.32
N LYS D 193 9.30 2.15 9.95
CA LYS D 193 9.00 3.48 10.47
C LYS D 193 10.10 4.47 10.85
N SER D 194 9.74 5.73 11.09
CA SER D 194 10.72 6.79 11.50
C SER D 194 11.71 7.33 10.49
N ASN D 195 12.75 8.03 10.94
CA ASN D 195 13.70 8.63 9.99
C ASN D 195 15.21 8.36 10.01
N PHE D 196 15.62 7.12 9.73
CA PHE D 196 17.05 6.77 9.64
C PHE D 196 17.66 7.19 10.97
N ALA D 197 16.86 7.26 12.01
CA ALA D 197 17.39 7.76 13.29
C ALA D 197 17.08 6.76 14.39
N ASN D 198 17.79 6.86 15.50
CA ASN D 198 17.60 5.87 16.57
C ASN D 198 17.65 4.56 15.82
N PRO D 199 18.76 4.25 15.15
CA PRO D 199 18.77 3.14 14.25
C PRO D 199 18.46 1.85 14.95
N TYR D 200 18.39 1.87 16.27
CA TYR D 200 18.01 0.64 16.98
C TYR D 200 16.59 0.79 17.51
N THR D 201 15.85 1.73 16.93
CA THR D 201 14.44 1.91 17.35
C THR D 201 13.54 1.97 16.12
N VAL D 202 12.37 1.34 16.18
CA VAL D 202 11.38 1.36 15.07
C VAL D 202 10.02 1.68 15.67
N SER D 203 9.06 2.09 14.86
CA SER D 203 7.77 2.51 15.44
C SER D 203 6.62 1.66 14.95
N ILE D 204 5.64 1.47 15.80
CA ILE D 204 4.50 0.60 15.44
C ILE D 204 3.26 1.46 15.49
N THR D 205 2.50 1.47 14.40
CA THR D 205 1.31 2.33 14.33
C THR D 205 0.14 1.43 14.04
N SER D 206 -1.02 1.72 14.62
CA SER D 206 -2.16 0.83 14.46
C SER D 206 -3.45 1.63 14.43
N PRO D 207 -4.39 1.31 13.54
CA PRO D 207 -5.65 2.07 13.54
C PRO D 207 -6.56 1.74 14.73
N GLU D 208 -6.41 0.58 15.34
CA GLU D 208 -7.41 0.13 16.29
C GLU D 208 -7.24 0.80 17.64
N LYS D 209 -8.26 0.62 18.49
CA LYS D 209 -8.27 1.21 19.82
C LYS D 209 -7.15 0.64 20.68
N ILE D 210 -7.01 -0.68 20.70
CA ILE D 210 -5.93 -1.32 21.42
C ILE D 210 -5.31 -2.38 20.51
N MET D 211 -4.02 -2.62 20.71
CA MET D 211 -3.17 -3.40 19.83
C MET D 211 -1.98 -3.94 20.62
N GLY D 212 -1.52 -5.13 20.26
CA GLY D 212 -0.47 -5.80 20.99
C GLY D 212 0.82 -5.95 20.20
N TYR D 213 1.95 -5.83 20.90
CA TYR D 213 3.23 -6.26 20.34
C TYR D 213 4.02 -7.04 21.40
N LEU D 214 5.02 -7.77 20.89
CA LEU D 214 5.77 -8.77 21.60
C LEU D 214 6.95 -9.26 20.76
N ILE D 215 8.18 -8.98 21.19
CA ILE D 215 9.35 -9.57 20.54
C ILE D 215 9.63 -10.94 21.13
N LYS D 216 9.55 -11.98 20.30
CA LYS D 216 9.58 -13.38 20.71
C LYS D 216 10.54 -14.14 19.79
N LYS D 217 11.70 -14.51 20.34
CA LYS D 217 12.50 -15.60 19.80
C LYS D 217 11.62 -16.83 19.61
N PRO D 218 11.59 -17.40 18.41
CA PRO D 218 10.68 -18.53 18.19
C PRO D 218 10.89 -19.56 19.26
N GLY D 219 9.81 -19.88 19.96
CA GLY D 219 9.77 -20.94 20.94
C GLY D 219 10.10 -20.50 22.34
N GLU D 220 9.77 -19.25 22.69
CA GLU D 220 10.03 -18.69 24.00
C GLU D 220 8.84 -18.87 24.94
N ASN D 221 9.09 -18.74 26.23
CA ASN D 221 8.04 -18.75 27.25
C ASN D 221 7.61 -17.30 27.43
N VAL D 222 6.52 -16.92 26.76
CA VAL D 222 5.95 -15.57 26.89
C VAL D 222 4.50 -15.72 27.34
N GLU D 223 4.16 -15.06 28.45
CA GLU D 223 2.79 -15.00 28.94
C GLU D 223 2.68 -13.75 29.79
N HIS D 224 1.65 -12.94 29.52
CA HIS D 224 1.52 -11.61 30.11
C HIS D 224 2.82 -10.83 29.92
N LYS D 225 3.53 -11.15 28.84
CA LYS D 225 4.67 -10.40 28.34
C LYS D 225 4.27 -9.47 27.19
N VAL D 226 2.98 -9.45 26.86
CA VAL D 226 2.47 -8.70 25.71
C VAL D 226 2.11 -7.29 26.14
N ILE D 227 2.55 -6.30 25.35
CA ILE D 227 2.46 -4.89 25.70
C ILE D 227 1.32 -4.24 24.93
N SER D 228 0.30 -3.76 25.64
CA SER D 228 -0.85 -3.11 25.02
C SER D 228 -0.50 -1.67 24.66
N PHE D 229 -0.67 -1.31 23.39
CA PHE D 229 -0.41 0.06 22.94
C PHE D 229 -1.55 0.55 22.05
N SER D 230 -1.86 1.84 22.14
CA SER D 230 -2.87 2.48 21.31
C SER D 230 -2.26 3.53 20.40
N GLY D 231 -2.72 3.56 19.16
CA GLY D 231 -2.25 4.57 18.21
C GLY D 231 -0.84 4.33 17.72
N SER D 232 0.15 4.63 18.54
CA SER D 232 1.55 4.53 18.12
C SER D 232 2.46 4.23 19.31
N ALA D 233 3.60 3.61 19.02
CA ALA D 233 4.66 3.34 19.98
C ALA D 233 5.97 3.20 19.23
N SER D 234 7.07 3.45 19.93
CA SER D 234 8.40 3.29 19.37
C SER D 234 9.11 2.28 20.24
N ILE D 235 9.72 1.29 19.60
CA ILE D 235 10.27 0.15 20.29
C ILE D 235 11.77 0.23 20.09
N THR D 236 12.51 0.51 21.16
CA THR D 236 13.98 0.55 21.11
C THR D 236 14.54 -0.83 21.45
N PHE D 237 15.21 -1.45 20.48
CA PHE D 237 15.77 -2.79 20.69
C PHE D 237 16.81 -2.78 21.78
N THR D 238 17.06 -3.98 22.32
CA THR D 238 18.13 -4.28 23.27
C THR D 238 19.18 -5.14 22.60
N GLU D 239 20.28 -5.34 23.31
CA GLU D 239 21.36 -6.19 22.82
C GLU D 239 20.84 -7.60 22.51
N GLU D 240 20.07 -8.16 23.43
CA GLU D 240 19.58 -9.53 23.26
C GLU D 240 18.73 -9.65 22.00
N MET D 241 17.75 -8.76 21.84
CA MET D 241 16.84 -8.82 20.71
C MET D 241 17.59 -8.74 19.38
N LEU D 242 18.74 -8.05 19.37
CA LEU D 242 19.45 -7.78 18.13
C LEU D 242 20.26 -8.95 17.62
N ASP D 243 20.22 -10.08 18.31
CA ASP D 243 20.72 -11.32 17.74
C ASP D 243 19.88 -11.73 16.55
N GLY D 244 20.43 -12.64 15.76
CA GLY D 244 19.74 -12.96 14.50
C GLY D 244 18.68 -14.00 14.70
N GLU D 245 17.94 -13.90 15.79
CA GLU D 245 16.94 -14.92 16.09
C GLU D 245 15.60 -14.39 16.56
N HIS D 246 15.50 -13.15 17.02
CA HIS D 246 14.25 -12.68 17.59
C HIS D 246 13.35 -12.13 16.49
N ASN D 247 12.04 -12.31 16.68
CA ASN D 247 11.03 -11.80 15.77
C ASN D 247 10.18 -10.75 16.50
N LEU D 248 9.82 -9.68 15.79
CA LEU D 248 8.89 -8.68 16.32
C LEU D 248 7.47 -9.07 15.89
N LEU D 249 6.75 -9.70 16.82
CA LEU D 249 5.33 -9.97 16.63
C LEU D 249 4.54 -8.69 16.94
N CYS D 250 3.76 -8.20 15.97
CA CYS D 250 2.74 -7.19 16.23
C CYS D 250 1.51 -7.49 15.36
N GLY D 251 0.39 -7.79 16.02
CA GLY D 251 -0.86 -8.18 15.40
C GLY D 251 -0.77 -9.16 14.28
N ASP D 252 -1.22 -8.75 13.13
CA ASP D 252 -1.16 -9.59 11.95
C ASP D 252 0.24 -9.69 11.37
N LYS D 253 1.18 -8.89 11.84
CA LYS D 253 2.49 -8.85 11.23
C LYS D 253 3.54 -9.49 12.12
N SER D 254 4.60 -10.01 11.47
CA SER D 254 5.86 -10.33 12.14
C SER D 254 7.01 -9.76 11.32
N ALA D 255 8.05 -9.29 12.01
CA ALA D 255 9.30 -8.88 11.37
C ALA D 255 10.48 -9.54 12.09
N LYS D 256 11.52 -9.90 11.31
CA LYS D 256 12.71 -10.55 11.83
C LYS D 256 13.81 -9.52 12.11
N ILE D 257 14.34 -9.55 13.33
CA ILE D 257 15.33 -8.59 13.78
C ILE D 257 16.72 -9.19 13.52
N PRO D 258 17.50 -8.64 12.59
CA PRO D 258 18.72 -9.31 12.12
C PRO D 258 19.93 -9.05 13.03
N LYS D 259 20.99 -9.83 12.81
CA LYS D 259 22.20 -9.69 13.61
C LYS D 259 22.88 -8.37 13.27
N THR D 260 23.08 -7.52 14.28
CA THR D 260 23.89 -6.32 14.07
C THR D 260 25.33 -6.56 14.53
N ASN D 261 26.23 -5.69 14.07
CA ASN D 261 27.62 -5.72 14.58
C ASN D 261 27.61 -5.12 15.97
N LYS D 262 27.64 -5.98 16.99
CA LYS D 262 27.36 -5.50 18.33
C LYS D 262 28.22 -4.31 18.68
N ARG D 263 29.49 -4.37 18.31
CA ARG D 263 30.43 -3.30 18.66
C ARG D 263 30.15 -2.02 17.88
N VAL D 264 29.73 -2.13 16.60
CA VAL D 264 29.28 -0.93 15.88
C VAL D 264 28.16 -0.25 16.66
N ARG D 265 27.16 -1.03 17.06
CA ARG D 265 26.16 -0.56 18.00
C ARG D 265 26.83 -0.04 19.25
N ASP D 266 27.67 -0.90 19.86
CA ASP D 266 28.30 -0.54 21.13
C ASP D 266 29.00 0.79 21.00
N CYS D 267 29.76 0.96 19.91
CA CYS D 267 30.39 2.25 19.62
C CYS D 267 29.35 3.37 19.63
N ILE D 268 28.29 3.20 18.82
CA ILE D 268 27.32 4.27 18.62
C ILE D 268 26.71 4.70 19.95
N ILE D 269 26.24 3.72 20.74
CA ILE D 269 25.59 4.00 22.02
C ILE D 269 26.63 4.69 22.89
N LYS D 270 27.87 4.25 22.79
CA LYS D 270 28.85 4.82 23.73
C LYS D 270 28.98 6.33 23.62
N TYR D 271 29.54 6.80 22.52
CA TYR D 271 29.86 8.22 22.41
C TYR D 271 28.79 9.19 21.92
N SER D 272 27.84 8.76 21.07
CA SER D 272 26.83 9.66 20.54
C SER D 272 25.99 10.26 21.67
N LYS D 273 25.37 11.40 21.36
CA LYS D 273 24.51 12.13 22.30
C LYS D 273 23.41 11.26 22.90
#